data_2FUI
#
_entry.id   2FUI
#
_entity_poly.entity_id   1
_entity_poly.type   'polypeptide(L)'
_entity_poly.pdbx_seq_one_letter_code
;GPLGSDTKLYCICKTPYDESKFYIGCDRCQNWYHGRCVGILQSEAELIDEYVCPQCQSTEDA
;
_entity_poly.pdbx_strand_id   A
#
# COMPACT_ATOMS: atom_id res chain seq x y z
N GLY A 1 22.84 18.20 6.38
CA GLY A 1 22.99 17.19 5.29
C GLY A 1 23.03 15.79 5.90
N PRO A 2 21.92 15.29 6.35
CA PRO A 2 21.83 13.94 6.96
C PRO A 2 22.40 12.85 6.05
N LEU A 3 22.97 11.82 6.66
CA LEU A 3 23.54 10.73 5.89
C LEU A 3 22.49 10.09 4.97
N GLY A 4 21.25 10.05 5.47
CA GLY A 4 20.15 9.47 4.70
C GLY A 4 20.03 7.98 4.96
N SER A 5 19.00 7.36 4.39
CA SER A 5 18.79 5.93 4.58
C SER A 5 18.13 5.32 3.33
N ASP A 6 18.48 4.06 3.05
CA ASP A 6 17.92 3.37 1.89
C ASP A 6 16.43 3.15 2.09
N THR A 7 15.70 2.96 0.99
CA THR A 7 14.26 2.74 1.07
C THR A 7 13.96 1.29 1.40
N LYS A 8 12.68 1.01 1.61
CA LYS A 8 12.24 -0.33 1.96
C LYS A 8 11.11 -0.79 1.04
N LEU A 9 10.65 -2.01 1.29
CA LEU A 9 9.56 -2.60 0.53
C LEU A 9 8.28 -1.77 0.71
N TYR A 10 7.18 -2.14 0.02
CA TYR A 10 5.95 -1.37 0.15
C TYR A 10 4.98 -2.01 1.15
N CYS A 11 4.39 -3.11 0.73
CA CYS A 11 3.44 -3.85 1.57
C CYS A 11 3.87 -3.86 3.03
N ILE A 12 3.11 -3.17 3.87
CA ILE A 12 3.39 -3.10 5.29
C ILE A 12 3.64 -4.51 5.82
N CYS A 13 3.38 -5.48 4.97
CA CYS A 13 3.56 -6.89 5.29
C CYS A 13 5.00 -7.32 5.03
N LYS A 14 5.92 -6.38 5.18
CA LYS A 14 7.34 -6.65 4.97
C LYS A 14 7.59 -7.49 3.72
N THR A 15 7.16 -6.98 2.56
CA THR A 15 7.37 -7.68 1.30
C THR A 15 7.33 -6.69 0.14
N PRO A 16 8.36 -6.63 -0.68
CA PRO A 16 8.44 -5.69 -1.85
C PRO A 16 7.27 -5.86 -2.83
N TYR A 17 7.10 -4.85 -3.69
CA TYR A 17 6.03 -4.86 -4.67
C TYR A 17 6.17 -6.05 -5.60
N ASP A 18 5.03 -6.58 -6.01
CA ASP A 18 5.00 -7.72 -6.91
C ASP A 18 3.87 -7.58 -7.93
N GLU A 19 4.23 -7.39 -9.19
CA GLU A 19 3.24 -7.24 -10.25
C GLU A 19 2.27 -8.41 -10.24
N SER A 20 2.71 -9.52 -9.66
CA SER A 20 1.86 -10.71 -9.55
C SER A 20 0.79 -10.40 -8.53
N LYS A 21 1.18 -9.55 -7.59
CA LYS A 21 0.32 -9.10 -6.52
C LYS A 21 -0.18 -7.72 -6.88
N PHE A 22 -1.36 -7.39 -6.44
CA PHE A 22 -1.91 -6.09 -6.75
C PHE A 22 -1.93 -5.21 -5.53
N TYR A 23 -1.83 -3.93 -5.77
CA TYR A 23 -1.77 -2.98 -4.69
C TYR A 23 -2.80 -1.90 -4.78
N ILE A 24 -2.90 -1.26 -3.64
CA ILE A 24 -3.77 -0.11 -3.45
C ILE A 24 -2.87 0.97 -2.88
N GLY A 25 -2.75 2.06 -3.59
CA GLY A 25 -1.82 3.10 -3.18
C GLY A 25 -2.34 4.06 -2.13
N CYS A 26 -1.55 4.18 -1.07
CA CYS A 26 -1.81 5.11 0.01
C CYS A 26 -2.12 6.47 -0.60
N ASP A 27 -3.38 6.89 -0.56
CA ASP A 27 -3.74 8.16 -1.15
C ASP A 27 -2.83 9.27 -0.64
N ARG A 28 -2.46 9.18 0.63
CA ARG A 28 -1.60 10.19 1.22
C ARG A 28 -0.24 9.62 1.63
N CYS A 29 -0.09 8.29 1.69
CA CYS A 29 1.19 7.73 2.08
C CYS A 29 1.98 7.20 0.87
N GLN A 30 1.54 7.59 -0.33
CA GLN A 30 2.21 7.20 -1.56
C GLN A 30 2.89 5.83 -1.46
N ASN A 31 2.18 4.83 -0.96
CA ASN A 31 2.75 3.48 -0.84
C ASN A 31 1.76 2.45 -1.39
N TRP A 32 2.24 1.23 -1.62
CA TRP A 32 1.37 0.18 -2.18
C TRP A 32 1.53 -1.13 -1.43
N TYR A 33 0.42 -1.75 -1.03
CA TYR A 33 0.46 -3.03 -0.32
C TYR A 33 -0.47 -4.05 -0.95
N HIS A 34 -0.09 -5.33 -0.96
CA HIS A 34 -1.00 -6.34 -1.48
C HIS A 34 -2.31 -6.15 -0.77
N GLY A 35 -3.41 -6.34 -1.47
CA GLY A 35 -4.70 -6.15 -0.84
C GLY A 35 -4.73 -6.72 0.56
N ARG A 36 -4.51 -8.02 0.66
CA ARG A 36 -4.53 -8.67 1.96
C ARG A 36 -3.33 -8.22 2.77
N CYS A 37 -2.33 -7.68 2.11
CA CYS A 37 -1.16 -7.24 2.82
C CYS A 37 -1.59 -6.36 3.99
N VAL A 38 -2.72 -5.67 3.80
CA VAL A 38 -3.24 -4.80 4.84
C VAL A 38 -4.62 -5.28 5.33
N GLY A 39 -5.07 -6.42 4.83
CA GLY A 39 -6.36 -6.97 5.25
C GLY A 39 -7.51 -6.33 4.51
N ILE A 40 -7.36 -6.22 3.19
CA ILE A 40 -8.40 -5.60 2.37
C ILE A 40 -8.96 -6.56 1.34
N LEU A 41 -10.08 -6.17 0.73
CA LEU A 41 -10.71 -6.98 -0.28
C LEU A 41 -9.85 -7.03 -1.54
N GLN A 42 -10.17 -7.97 -2.40
CA GLN A 42 -9.45 -8.14 -3.66
C GLN A 42 -10.01 -7.14 -4.60
N SER A 43 -11.30 -7.07 -4.56
CA SER A 43 -12.02 -6.15 -5.37
C SER A 43 -11.62 -4.75 -4.94
N GLU A 44 -11.48 -4.54 -3.63
CA GLU A 44 -11.05 -3.23 -3.13
C GLU A 44 -9.89 -2.74 -3.99
N ALA A 45 -9.31 -3.66 -4.73
CA ALA A 45 -8.22 -3.32 -5.63
C ALA A 45 -8.76 -2.69 -6.92
N GLU A 46 -9.82 -3.27 -7.48
CA GLU A 46 -10.40 -2.78 -8.74
C GLU A 46 -11.46 -1.68 -8.56
N LEU A 47 -12.46 -1.94 -7.72
CA LEU A 47 -13.54 -0.99 -7.50
C LEU A 47 -13.10 0.15 -6.64
N ILE A 48 -11.82 0.31 -6.58
CA ILE A 48 -11.24 1.31 -5.76
C ILE A 48 -10.62 2.46 -6.55
N ASP A 49 -10.76 3.66 -5.99
CA ASP A 49 -10.25 4.87 -6.61
C ASP A 49 -10.25 6.00 -5.58
N GLU A 50 -10.12 5.62 -4.32
CA GLU A 50 -10.11 6.58 -3.22
C GLU A 50 -9.60 5.88 -1.98
N TYR A 51 -9.06 4.68 -2.16
CA TYR A 51 -8.53 3.91 -1.06
C TYR A 51 -7.31 4.60 -0.49
N VAL A 52 -7.15 4.47 0.80
CA VAL A 52 -6.01 5.05 1.47
C VAL A 52 -5.27 3.99 2.24
N CYS A 53 -4.00 4.25 2.49
CA CYS A 53 -3.18 3.34 3.19
C CYS A 53 -3.46 3.42 4.65
N PRO A 54 -3.14 2.39 5.34
CA PRO A 54 -3.37 2.31 6.78
C PRO A 54 -2.32 3.09 7.55
N GLN A 55 -1.12 3.15 6.98
CA GLN A 55 -0.05 3.90 7.60
C GLN A 55 -0.35 5.39 7.43
N CYS A 56 -1.06 5.68 6.35
CA CYS A 56 -1.46 7.03 6.03
C CYS A 56 -2.39 7.60 7.11
N GLN A 57 -3.36 6.78 7.51
CA GLN A 57 -4.32 7.20 8.51
C GLN A 57 -3.61 7.74 9.75
N SER A 58 -2.49 7.11 10.10
CA SER A 58 -1.72 7.55 11.25
C SER A 58 -1.27 9.00 11.04
N THR A 59 -0.93 9.32 9.80
CA THR A 59 -0.48 10.67 9.46
C THR A 59 -1.67 11.59 9.20
N GLU A 60 -2.74 11.05 8.62
CA GLU A 60 -3.92 11.86 8.33
C GLU A 60 -4.20 12.87 9.44
N ASP A 61 -4.58 12.37 10.61
CA ASP A 61 -4.86 13.24 11.75
C ASP A 61 -4.63 12.52 13.06
N ALA A 62 -4.65 13.27 14.16
CA ALA A 62 -4.44 12.69 15.48
C ALA A 62 -5.73 12.70 16.28
N GLY A 1 6.43 11.28 -14.40
CA GLY A 1 7.88 10.95 -14.29
C GLY A 1 8.04 9.48 -13.94
N PRO A 2 9.25 8.97 -14.04
CA PRO A 2 9.55 7.55 -13.72
C PRO A 2 9.33 7.23 -12.24
N LEU A 3 9.48 8.25 -11.40
CA LEU A 3 9.31 8.07 -9.96
C LEU A 3 9.91 6.74 -9.51
N GLY A 4 10.84 6.23 -10.29
CA GLY A 4 11.49 4.96 -9.96
C GLY A 4 12.95 5.17 -9.56
N SER A 5 13.32 4.62 -8.40
CA SER A 5 14.69 4.75 -7.91
C SER A 5 14.91 3.81 -6.73
N ASP A 6 15.77 4.22 -5.81
CA ASP A 6 16.05 3.41 -4.63
C ASP A 6 14.87 3.47 -3.66
N THR A 7 14.10 2.39 -3.60
CA THR A 7 12.93 2.35 -2.73
C THR A 7 12.96 1.11 -1.83
N LYS A 8 12.12 1.13 -0.80
CA LYS A 8 12.02 0.02 0.13
C LYS A 8 10.76 -0.79 -0.14
N LEU A 9 10.51 -1.78 0.72
CA LEU A 9 9.34 -2.63 0.57
C LEU A 9 8.08 -1.78 0.68
N TYR A 10 7.00 -2.20 0.02
CA TYR A 10 5.78 -1.42 0.06
C TYR A 10 4.82 -1.99 1.11
N CYS A 11 4.29 -3.17 0.86
CA CYS A 11 3.38 -3.81 1.82
C CYS A 11 3.88 -3.63 3.24
N ILE A 12 2.97 -3.17 4.10
CA ILE A 12 3.30 -2.98 5.51
C ILE A 12 3.75 -4.32 6.07
N CYS A 13 3.57 -5.33 5.23
CA CYS A 13 3.92 -6.71 5.58
C CYS A 13 5.42 -6.97 5.36
N LYS A 14 6.14 -5.95 4.89
CA LYS A 14 7.57 -6.06 4.64
C LYS A 14 7.86 -6.96 3.45
N THR A 15 7.30 -6.62 2.29
CA THR A 15 7.50 -7.40 1.08
C THR A 15 7.64 -6.48 -0.14
N PRO A 16 8.44 -6.85 -1.12
CA PRO A 16 8.63 -6.03 -2.35
C PRO A 16 7.41 -6.07 -3.26
N TYR A 17 7.19 -5.00 -4.01
CA TYR A 17 6.05 -4.94 -4.92
C TYR A 17 6.17 -6.02 -5.97
N ASP A 18 5.05 -6.64 -6.28
CA ASP A 18 5.02 -7.68 -7.27
C ASP A 18 3.75 -7.58 -8.12
N GLU A 19 3.93 -7.41 -9.42
CA GLU A 19 2.79 -7.29 -10.32
C GLU A 19 1.90 -8.52 -10.17
N SER A 20 2.46 -9.57 -9.56
CA SER A 20 1.70 -10.78 -9.32
C SER A 20 0.70 -10.47 -8.23
N LYS A 21 1.15 -9.57 -7.38
CA LYS A 21 0.36 -9.09 -6.27
C LYS A 21 -0.31 -7.80 -6.70
N PHE A 22 -1.46 -7.53 -6.13
CA PHE A 22 -2.19 -6.34 -6.48
C PHE A 22 -2.18 -5.39 -5.31
N TYR A 23 -2.22 -4.11 -5.61
CA TYR A 23 -2.13 -3.12 -4.56
C TYR A 23 -3.20 -2.07 -4.59
N ILE A 24 -3.17 -1.36 -3.49
CA ILE A 24 -4.00 -0.21 -3.24
C ILE A 24 -3.04 0.87 -2.81
N GLY A 25 -2.97 1.95 -3.56
CA GLY A 25 -1.98 2.97 -3.27
C GLY A 25 -2.41 4.02 -2.25
N CYS A 26 -1.61 4.11 -1.20
CA CYS A 26 -1.78 5.07 -0.15
C CYS A 26 -1.87 6.46 -0.78
N ASP A 27 -3.05 7.05 -0.82
CA ASP A 27 -3.20 8.37 -1.41
C ASP A 27 -2.33 9.37 -0.66
N ARG A 28 -2.24 9.15 0.64
CA ARG A 28 -1.47 10.01 1.51
C ARG A 28 -0.10 9.40 1.85
N CYS A 29 -0.03 8.08 1.98
CA CYS A 29 1.23 7.46 2.33
C CYS A 29 2.04 7.03 1.11
N GLN A 30 1.53 7.39 -0.07
CA GLN A 30 2.20 7.11 -1.34
C GLN A 30 2.87 5.72 -1.39
N ASN A 31 2.27 4.70 -0.78
CA ASN A 31 2.87 3.38 -0.83
C ASN A 31 1.82 2.33 -1.20
N TRP A 32 2.28 1.12 -1.55
CA TRP A 32 1.36 0.08 -1.99
C TRP A 32 1.54 -1.24 -1.26
N TYR A 33 0.43 -1.88 -0.90
CA TYR A 33 0.49 -3.19 -0.22
C TYR A 33 -0.51 -4.17 -0.86
N HIS A 34 -0.20 -5.48 -0.80
CA HIS A 34 -1.14 -6.46 -1.30
C HIS A 34 -2.43 -6.26 -0.54
N GLY A 35 -3.55 -6.36 -1.21
CA GLY A 35 -4.82 -6.15 -0.55
C GLY A 35 -4.84 -6.85 0.79
N ARG A 36 -4.54 -8.13 0.80
CA ARG A 36 -4.53 -8.88 2.04
C ARG A 36 -3.37 -8.44 2.92
N CYS A 37 -2.37 -7.81 2.30
CA CYS A 37 -1.24 -7.35 3.07
C CYS A 37 -1.73 -6.54 4.25
N VAL A 38 -2.86 -5.86 4.03
CA VAL A 38 -3.45 -5.03 5.08
C VAL A 38 -4.85 -5.52 5.45
N GLY A 39 -5.17 -6.75 5.04
CA GLY A 39 -6.47 -7.35 5.38
C GLY A 39 -7.61 -6.68 4.63
N ILE A 40 -7.42 -6.49 3.33
CA ILE A 40 -8.45 -5.86 2.50
C ILE A 40 -8.94 -6.80 1.41
N LEU A 41 -10.05 -6.41 0.78
CA LEU A 41 -10.62 -7.21 -0.30
C LEU A 41 -9.63 -7.34 -1.45
N GLN A 42 -9.92 -8.27 -2.33
CA GLN A 42 -9.05 -8.53 -3.47
C GLN A 42 -9.29 -7.49 -4.55
N SER A 43 -10.53 -7.38 -4.96
CA SER A 43 -10.89 -6.42 -5.99
C SER A 43 -10.78 -5.01 -5.43
N GLU A 44 -10.69 -4.93 -4.10
CA GLU A 44 -10.60 -3.64 -3.43
C GLU A 44 -9.65 -2.73 -4.15
N ALA A 45 -8.78 -3.28 -4.96
CA ALA A 45 -7.82 -2.47 -5.68
C ALA A 45 -8.48 -1.71 -6.84
N GLU A 46 -9.34 -2.39 -7.60
CA GLU A 46 -9.98 -1.76 -8.76
C GLU A 46 -11.31 -1.06 -8.43
N LEU A 47 -12.15 -1.72 -7.65
CA LEU A 47 -13.47 -1.17 -7.32
C LEU A 47 -13.40 0.20 -6.68
N ILE A 48 -12.34 0.48 -5.95
CA ILE A 48 -12.22 1.79 -5.32
C ILE A 48 -11.58 2.77 -6.27
N ASP A 49 -11.57 4.02 -5.86
CA ASP A 49 -11.03 5.08 -6.66
C ASP A 49 -10.70 6.28 -5.79
N GLU A 50 -10.40 5.98 -4.53
CA GLU A 50 -10.04 6.99 -3.55
C GLU A 50 -9.47 6.24 -2.35
N TYR A 51 -8.85 5.11 -2.65
CA TYR A 51 -8.26 4.29 -1.61
C TYR A 51 -7.09 4.99 -0.96
N VAL A 52 -6.97 4.72 0.32
CA VAL A 52 -5.89 5.26 1.09
C VAL A 52 -5.29 4.15 1.92
N CYS A 53 -4.03 4.29 2.27
CA CYS A 53 -3.37 3.31 3.03
C CYS A 53 -3.72 3.45 4.47
N PRO A 54 -3.49 2.44 5.21
CA PRO A 54 -3.81 2.42 6.64
C PRO A 54 -2.72 3.10 7.46
N GLN A 55 -1.50 3.07 6.94
CA GLN A 55 -0.39 3.73 7.62
C GLN A 55 -0.54 5.22 7.42
N CYS A 56 -1.14 5.56 6.28
CA CYS A 56 -1.37 6.96 5.92
C CYS A 56 -2.27 7.63 6.94
N GLN A 57 -3.32 6.92 7.34
CA GLN A 57 -4.29 7.45 8.28
C GLN A 57 -3.59 7.95 9.54
N SER A 58 -2.54 7.25 9.96
CA SER A 58 -1.79 7.65 11.13
C SER A 58 -1.17 9.03 10.94
N THR A 59 -0.69 9.29 9.72
CA THR A 59 -0.07 10.58 9.41
C THR A 59 -1.05 11.52 8.70
N GLU A 60 -2.07 10.95 8.07
CA GLU A 60 -3.05 11.75 7.36
C GLU A 60 -3.68 12.79 8.29
N ASP A 61 -3.84 12.41 9.55
CA ASP A 61 -4.42 13.31 10.54
C ASP A 61 -3.43 14.40 10.93
N ALA A 62 -3.89 15.33 11.76
CA ALA A 62 -3.04 16.43 12.22
C ALA A 62 -3.30 16.74 13.69
N GLY A 1 13.16 6.32 -17.70
CA GLY A 1 13.30 5.05 -16.93
C GLY A 1 12.32 5.05 -15.77
N PRO A 2 11.06 4.88 -16.06
CA PRO A 2 9.99 4.86 -15.02
C PRO A 2 10.28 3.82 -13.93
N LEU A 3 11.09 2.84 -14.26
CA LEU A 3 11.44 1.79 -13.31
C LEU A 3 12.66 2.21 -12.47
N GLY A 4 12.65 1.85 -11.19
CA GLY A 4 13.74 2.19 -10.30
C GLY A 4 13.67 1.38 -9.01
N SER A 5 14.57 1.67 -8.08
CA SER A 5 14.61 0.96 -6.81
C SER A 5 15.23 1.83 -5.73
N ASP A 6 16.37 1.39 -5.20
CA ASP A 6 17.05 2.14 -4.14
C ASP A 6 16.07 2.65 -3.11
N THR A 7 14.92 1.97 -3.00
CA THR A 7 13.91 2.36 -2.02
C THR A 7 13.45 1.15 -1.21
N LYS A 8 12.73 1.42 -0.14
CA LYS A 8 12.23 0.36 0.72
C LYS A 8 11.09 -0.39 0.03
N LEU A 9 10.51 -1.34 0.75
CA LEU A 9 9.41 -2.14 0.20
C LEU A 9 8.11 -1.33 0.19
N TYR A 10 7.07 -1.91 -0.39
CA TYR A 10 5.78 -1.26 -0.47
C TYR A 10 4.90 -1.75 0.68
N CYS A 11 4.35 -2.93 0.47
CA CYS A 11 3.51 -3.63 1.43
C CYS A 11 4.03 -3.51 2.86
N ILE A 12 3.14 -3.09 3.75
CA ILE A 12 3.48 -2.95 5.17
C ILE A 12 3.84 -4.33 5.70
N CYS A 13 3.55 -5.31 4.86
CA CYS A 13 3.78 -6.70 5.16
C CYS A 13 5.28 -7.03 5.03
N LYS A 14 6.05 -6.02 4.64
CA LYS A 14 7.50 -6.18 4.47
C LYS A 14 7.82 -7.21 3.38
N THR A 15 7.25 -6.99 2.19
CA THR A 15 7.49 -7.89 1.07
C THR A 15 7.65 -7.07 -0.22
N PRO A 16 8.74 -7.25 -0.95
CA PRO A 16 8.98 -6.51 -2.23
C PRO A 16 7.76 -6.55 -3.14
N TYR A 17 7.55 -5.48 -3.90
CA TYR A 17 6.42 -5.41 -4.82
C TYR A 17 6.55 -6.45 -5.91
N ASP A 18 5.44 -7.11 -6.21
CA ASP A 18 5.42 -8.10 -7.27
C ASP A 18 4.12 -7.97 -8.04
N GLU A 19 4.20 -8.02 -9.35
CA GLU A 19 2.99 -7.90 -10.16
C GLU A 19 2.02 -9.02 -9.78
N SER A 20 2.56 -10.05 -9.13
CA SER A 20 1.74 -11.18 -8.69
C SER A 20 0.68 -10.68 -7.72
N LYS A 21 1.09 -9.84 -6.76
CA LYS A 21 0.15 -9.25 -5.82
C LYS A 21 -0.42 -8.02 -6.47
N PHE A 22 -1.53 -7.56 -5.96
CA PHE A 22 -2.12 -6.36 -6.49
C PHE A 22 -2.16 -5.32 -5.42
N TYR A 23 -1.81 -4.11 -5.79
CA TYR A 23 -1.73 -3.06 -4.82
C TYR A 23 -2.74 -1.98 -4.97
N ILE A 24 -2.76 -1.25 -3.89
CA ILE A 24 -3.56 -0.06 -3.71
C ILE A 24 -2.56 0.99 -3.29
N GLY A 25 -2.91 2.26 -3.30
CA GLY A 25 -1.90 3.24 -2.95
C GLY A 25 -2.35 4.29 -1.94
N CYS A 26 -1.60 4.36 -0.86
CA CYS A 26 -1.82 5.33 0.18
C CYS A 26 -2.01 6.70 -0.48
N ASP A 27 -3.23 7.20 -0.46
CA ASP A 27 -3.51 8.49 -1.07
C ASP A 27 -2.77 9.56 -0.33
N ARG A 28 -2.60 9.29 0.96
CA ARG A 28 -1.92 10.20 1.83
C ARG A 28 -0.55 9.66 2.25
N CYS A 29 -0.33 8.34 2.15
CA CYS A 29 0.97 7.81 2.56
C CYS A 29 1.80 7.34 1.37
N GLN A 30 1.39 7.70 0.16
CA GLN A 30 2.13 7.34 -1.04
C GLN A 30 2.81 5.99 -0.89
N ASN A 31 2.05 4.97 -0.52
CA ASN A 31 2.62 3.63 -0.33
C ASN A 31 1.77 2.58 -1.02
N TRP A 32 2.30 1.37 -1.17
CA TRP A 32 1.59 0.32 -1.89
C TRP A 32 1.73 -1.05 -1.21
N TYR A 33 0.61 -1.73 -1.03
CA TYR A 33 0.61 -3.04 -0.37
C TYR A 33 -0.30 -4.05 -1.07
N HIS A 34 0.01 -5.36 -0.94
CA HIS A 34 -0.88 -6.35 -1.50
C HIS A 34 -2.22 -6.12 -0.82
N GLY A 35 -3.30 -6.34 -1.53
CA GLY A 35 -4.60 -6.10 -0.93
C GLY A 35 -4.69 -6.78 0.43
N ARG A 36 -4.31 -8.03 0.49
CA ARG A 36 -4.34 -8.76 1.74
C ARG A 36 -3.17 -8.34 2.61
N CYS A 37 -2.18 -7.73 1.99
CA CYS A 37 -1.02 -7.30 2.74
C CYS A 37 -1.49 -6.51 3.94
N VAL A 38 -2.61 -5.83 3.75
CA VAL A 38 -3.20 -5.02 4.81
C VAL A 38 -4.56 -5.57 5.23
N GLY A 39 -4.84 -6.80 4.82
CA GLY A 39 -6.10 -7.45 5.19
C GLY A 39 -7.29 -6.78 4.53
N ILE A 40 -7.16 -6.50 3.23
CA ILE A 40 -8.23 -5.84 2.51
C ILE A 40 -8.87 -6.74 1.46
N LEU A 41 -10.00 -6.31 0.94
CA LEU A 41 -10.71 -7.07 -0.08
C LEU A 41 -9.87 -7.21 -1.34
N GLN A 42 -10.25 -8.13 -2.21
CA GLN A 42 -9.51 -8.35 -3.45
C GLN A 42 -9.89 -7.31 -4.48
N SER A 43 -11.18 -7.18 -4.72
CA SER A 43 -11.67 -6.20 -5.66
C SER A 43 -11.35 -4.83 -5.14
N GLU A 44 -11.14 -4.73 -3.83
CA GLU A 44 -10.81 -3.46 -3.19
C GLU A 44 -9.81 -2.73 -4.04
N ALA A 45 -9.15 -3.48 -4.89
CA ALA A 45 -8.17 -2.91 -5.78
C ALA A 45 -8.84 -2.04 -6.85
N GLU A 46 -9.82 -2.62 -7.56
CA GLU A 46 -10.51 -1.89 -8.63
C GLU A 46 -11.75 -1.09 -8.20
N LEU A 47 -12.58 -1.69 -7.36
CA LEU A 47 -13.83 -1.04 -6.93
C LEU A 47 -13.61 0.35 -6.34
N ILE A 48 -12.48 0.57 -5.72
CA ILE A 48 -12.21 1.89 -5.15
C ILE A 48 -11.62 2.78 -6.20
N ASP A 49 -11.44 4.01 -5.82
CA ASP A 49 -10.91 5.01 -6.71
C ASP A 49 -9.86 5.85 -5.99
N GLU A 50 -10.25 6.35 -4.84
CA GLU A 50 -9.37 7.16 -4.03
C GLU A 50 -8.96 6.34 -2.82
N TYR A 51 -8.34 5.20 -3.07
CA TYR A 51 -7.92 4.33 -1.99
C TYR A 51 -6.86 5.00 -1.17
N VAL A 52 -6.94 4.74 0.12
CA VAL A 52 -5.97 5.26 1.05
C VAL A 52 -5.34 4.13 1.81
N CYS A 53 -4.14 4.37 2.31
CA CYS A 53 -3.43 3.37 3.02
C CYS A 53 -3.83 3.34 4.45
N PRO A 54 -3.56 2.26 5.08
CA PRO A 54 -3.90 2.08 6.49
C PRO A 54 -2.90 2.79 7.39
N GLN A 55 -1.72 3.03 6.86
CA GLN A 55 -0.70 3.75 7.60
C GLN A 55 -1.01 5.23 7.56
N CYS A 56 -1.65 5.66 6.46
CA CYS A 56 -2.01 7.06 6.30
C CYS A 56 -3.35 7.36 6.99
N GLN A 57 -4.33 6.49 6.76
CA GLN A 57 -5.66 6.69 7.34
C GLN A 57 -5.57 6.97 8.83
N SER A 58 -4.47 6.54 9.45
CA SER A 58 -4.29 6.76 10.88
C SER A 58 -4.47 8.24 11.21
N THR A 59 -4.02 9.10 10.31
CA THR A 59 -4.15 10.54 10.51
C THR A 59 -5.55 11.02 10.16
N GLU A 60 -6.25 10.26 9.32
CA GLU A 60 -7.60 10.62 8.90
C GLU A 60 -8.64 9.77 9.61
N ASP A 61 -9.85 10.29 9.73
CA ASP A 61 -10.93 9.57 10.40
C ASP A 61 -10.46 9.00 11.73
N ALA A 62 -9.74 9.82 12.50
CA ALA A 62 -9.24 9.38 13.79
C ALA A 62 -10.38 8.97 14.70
N GLY A 1 12.88 -14.10 -6.77
CA GLY A 1 13.94 -13.56 -7.66
C GLY A 1 14.73 -12.49 -6.92
N PRO A 2 15.52 -11.72 -7.64
CA PRO A 2 16.35 -10.64 -7.04
C PRO A 2 15.51 -9.66 -6.22
N LEU A 3 16.07 -9.19 -5.11
CA LEU A 3 15.37 -8.26 -4.24
C LEU A 3 15.79 -6.82 -4.55
N GLY A 4 14.82 -5.91 -4.47
CA GLY A 4 15.10 -4.49 -4.75
C GLY A 4 15.73 -3.82 -3.55
N SER A 5 16.86 -4.38 -3.08
CA SER A 5 17.56 -3.82 -1.94
C SER A 5 17.87 -2.34 -2.17
N ASP A 6 18.14 -1.99 -3.42
CA ASP A 6 18.45 -0.60 -3.77
C ASP A 6 17.34 0.34 -3.29
N THR A 7 16.10 -0.14 -3.35
CA THR A 7 14.96 0.66 -2.93
C THR A 7 14.21 -0.01 -1.79
N LYS A 8 13.36 0.75 -1.11
CA LYS A 8 12.59 0.22 0.01
C LYS A 8 11.39 -0.58 -0.50
N LEU A 9 10.93 -1.50 0.33
CA LEU A 9 9.79 -2.33 -0.02
C LEU A 9 8.48 -1.57 0.24
N TYR A 10 7.34 -2.07 -0.25
CA TYR A 10 6.08 -1.35 -0.07
C TYR A 10 5.17 -1.98 1.00
N CYS A 11 4.55 -3.13 0.68
CA CYS A 11 3.64 -3.76 1.63
C CYS A 11 4.16 -3.68 3.06
N ILE A 12 3.29 -3.20 3.95
CA ILE A 12 3.61 -3.10 5.36
C ILE A 12 3.95 -4.49 5.86
N CYS A 13 3.71 -5.46 4.99
CA CYS A 13 3.94 -6.87 5.27
C CYS A 13 5.43 -7.20 5.17
N LYS A 14 6.25 -6.19 4.90
CA LYS A 14 7.70 -6.37 4.79
C LYS A 14 8.08 -7.16 3.54
N THR A 15 7.62 -6.69 2.37
CA THR A 15 7.93 -7.36 1.11
C THR A 15 7.77 -6.39 -0.07
N PRO A 16 8.79 -6.23 -0.88
CA PRO A 16 8.74 -5.28 -2.04
C PRO A 16 7.59 -5.57 -3.01
N TYR A 17 7.49 -4.70 -4.02
CA TYR A 17 6.40 -4.84 -5.00
C TYR A 17 6.45 -6.17 -5.69
N ASP A 18 5.26 -6.68 -5.95
CA ASP A 18 5.09 -7.94 -6.64
C ASP A 18 3.99 -7.79 -7.69
N GLU A 19 4.40 -7.55 -8.94
CA GLU A 19 3.43 -7.37 -10.01
C GLU A 19 2.41 -8.49 -10.01
N SER A 20 2.75 -9.56 -9.28
CA SER A 20 1.85 -10.70 -9.15
C SER A 20 0.81 -10.35 -8.10
N LYS A 21 1.25 -9.52 -7.17
CA LYS A 21 0.42 -9.04 -6.09
C LYS A 21 -0.05 -7.64 -6.46
N PHE A 22 -1.34 -7.42 -6.35
CA PHE A 22 -1.91 -6.14 -6.71
C PHE A 22 -2.09 -5.26 -5.50
N TYR A 23 -1.83 -3.97 -5.69
CA TYR A 23 -1.93 -3.05 -4.59
C TYR A 23 -2.93 -1.95 -4.76
N ILE A 24 -3.01 -1.27 -3.66
CA ILE A 24 -3.83 -0.10 -3.47
C ILE A 24 -2.88 0.94 -2.90
N GLY A 25 -2.79 2.07 -3.56
CA GLY A 25 -1.81 3.05 -3.13
C GLY A 25 -2.29 4.05 -2.09
N CYS A 26 -1.52 4.11 -1.01
CA CYS A 26 -1.74 5.05 0.07
C CYS A 26 -1.97 6.43 -0.57
N ASP A 27 -3.12 7.04 -0.31
CA ASP A 27 -3.42 8.34 -0.89
C ASP A 27 -2.51 9.37 -0.28
N ARG A 28 -2.16 9.13 0.97
CA ARG A 28 -1.29 10.02 1.71
C ARG A 28 0.05 9.37 2.04
N CYS A 29 0.09 8.05 2.13
CA CYS A 29 1.34 7.39 2.50
C CYS A 29 2.13 6.93 1.28
N GLN A 30 1.73 7.40 0.11
CA GLN A 30 2.42 7.05 -1.14
C GLN A 30 3.07 5.67 -1.11
N ASN A 31 2.33 4.66 -0.66
CA ASN A 31 2.87 3.30 -0.59
C ASN A 31 1.89 2.30 -1.21
N TRP A 32 2.37 1.10 -1.52
CA TRP A 32 1.51 0.08 -2.15
C TRP A 32 1.68 -1.29 -1.49
N TYR A 33 0.56 -1.88 -1.04
CA TYR A 33 0.60 -3.20 -0.41
C TYR A 33 -0.44 -4.14 -0.98
N HIS A 34 -0.21 -5.45 -0.84
CA HIS A 34 -1.16 -6.44 -1.27
C HIS A 34 -2.48 -6.12 -0.60
N GLY A 35 -3.57 -6.27 -1.31
CA GLY A 35 -4.85 -5.97 -0.72
C GLY A 35 -4.97 -6.61 0.63
N ARG A 36 -4.53 -7.85 0.73
CA ARG A 36 -4.57 -8.55 2.00
C ARG A 36 -3.45 -8.08 2.90
N CYS A 37 -2.43 -7.48 2.30
CA CYS A 37 -1.32 -6.98 3.08
C CYS A 37 -1.86 -6.11 4.20
N VAL A 38 -2.97 -5.44 3.91
CA VAL A 38 -3.60 -4.56 4.88
C VAL A 38 -5.01 -5.04 5.23
N GLY A 39 -5.33 -6.26 4.80
CA GLY A 39 -6.63 -6.86 5.09
C GLY A 39 -7.73 -6.19 4.30
N ILE A 40 -7.48 -5.99 3.02
CA ILE A 40 -8.47 -5.35 2.16
C ILE A 40 -9.11 -6.38 1.22
N LEU A 41 -10.24 -6.02 0.63
CA LEU A 41 -10.94 -6.89 -0.30
C LEU A 41 -10.08 -7.15 -1.54
N GLN A 42 -10.44 -8.19 -2.27
CA GLN A 42 -9.70 -8.55 -3.47
C GLN A 42 -10.10 -7.68 -4.63
N SER A 43 -11.40 -7.68 -4.92
CA SER A 43 -11.93 -6.89 -6.00
C SER A 43 -11.78 -5.42 -5.67
N GLU A 44 -11.51 -5.15 -4.40
CA GLU A 44 -11.38 -3.78 -3.94
C GLU A 44 -10.54 -2.96 -4.91
N ALA A 45 -9.44 -3.52 -5.36
CA ALA A 45 -8.57 -2.81 -6.27
C ALA A 45 -9.36 -2.17 -7.42
N GLU A 46 -10.43 -2.83 -7.88
CA GLU A 46 -11.23 -2.29 -8.98
C GLU A 46 -12.32 -1.34 -8.51
N LEU A 47 -13.11 -1.81 -7.58
CA LEU A 47 -14.22 -1.03 -7.03
C LEU A 47 -13.73 0.07 -6.15
N ILE A 48 -12.43 0.23 -6.10
CA ILE A 48 -11.87 1.25 -5.27
C ILE A 48 -11.34 2.41 -6.09
N ASP A 49 -11.74 3.61 -5.69
CA ASP A 49 -11.36 4.84 -6.39
C ASP A 49 -10.10 5.47 -5.81
N GLU A 50 -10.23 6.06 -4.61
CA GLU A 50 -9.10 6.71 -3.97
C GLU A 50 -8.83 6.02 -2.64
N TYR A 51 -8.35 4.80 -2.72
CA TYR A 51 -8.06 4.04 -1.54
C TYR A 51 -6.90 4.69 -0.81
N VAL A 52 -6.93 4.59 0.51
CA VAL A 52 -5.87 5.13 1.30
C VAL A 52 -5.24 4.02 2.11
N CYS A 53 -4.00 4.21 2.47
CA CYS A 53 -3.27 3.23 3.18
C CYS A 53 -3.52 3.34 4.65
N PRO A 54 -3.23 2.31 5.34
CA PRO A 54 -3.43 2.25 6.79
C PRO A 54 -2.33 3.00 7.52
N GLN A 55 -1.17 3.08 6.88
CA GLN A 55 -0.05 3.80 7.45
C GLN A 55 -0.36 5.29 7.40
N CYS A 56 -1.07 5.66 6.35
CA CYS A 56 -1.47 7.05 6.16
C CYS A 56 -2.78 7.34 6.91
N GLN A 57 -3.65 6.33 6.98
CA GLN A 57 -4.94 6.47 7.64
C GLN A 57 -4.78 7.00 9.07
N SER A 58 -3.72 6.57 9.74
CA SER A 58 -3.48 6.99 11.12
C SER A 58 -3.49 8.52 11.23
N THR A 59 -2.98 9.19 10.21
CA THR A 59 -2.92 10.65 10.21
C THR A 59 -4.18 11.26 9.59
N GLU A 60 -5.01 10.41 8.98
CA GLU A 60 -6.24 10.89 8.34
C GLU A 60 -7.47 10.39 9.08
N ASP A 61 -8.58 11.11 8.92
CA ASP A 61 -9.82 10.74 9.58
C ASP A 61 -10.57 9.70 8.76
N ALA A 62 -10.82 8.54 9.36
CA ALA A 62 -11.53 7.46 8.67
C ALA A 62 -12.79 7.08 9.45
N GLY A 1 10.15 -12.04 -3.68
CA GLY A 1 11.49 -11.56 -3.24
C GLY A 1 11.52 -11.46 -1.72
N PRO A 2 11.63 -12.59 -1.06
CA PRO A 2 11.67 -12.64 0.43
C PRO A 2 12.77 -11.75 1.01
N LEU A 3 13.77 -11.44 0.19
CA LEU A 3 14.88 -10.59 0.63
C LEU A 3 14.65 -9.15 0.18
N GLY A 4 15.06 -8.20 1.04
CA GLY A 4 14.90 -6.79 0.73
C GLY A 4 15.57 -6.43 -0.59
N SER A 5 16.63 -7.17 -0.92
CA SER A 5 17.37 -6.93 -2.16
C SER A 5 17.82 -5.48 -2.25
N ASP A 6 17.95 -4.97 -3.47
CA ASP A 6 18.38 -3.58 -3.67
C ASP A 6 17.20 -2.63 -3.73
N THR A 7 16.00 -3.15 -3.44
CA THR A 7 14.80 -2.32 -3.46
C THR A 7 14.12 -2.33 -2.09
N LYS A 8 13.26 -1.34 -1.86
CA LYS A 8 12.56 -1.24 -0.59
C LYS A 8 11.24 -2.01 -0.63
N LEU A 9 10.50 -1.95 0.47
CA LEU A 9 9.22 -2.68 0.58
C LEU A 9 8.04 -1.71 0.66
N TYR A 10 6.93 -2.08 0.03
CA TYR A 10 5.75 -1.25 0.06
C TYR A 10 4.77 -1.85 1.07
N CYS A 11 4.26 -3.01 0.73
CA CYS A 11 3.35 -3.75 1.59
C CYS A 11 3.81 -3.69 3.04
N ILE A 12 2.99 -3.05 3.86
CA ILE A 12 3.31 -2.92 5.29
C ILE A 12 3.65 -4.29 5.86
N CYS A 13 3.43 -5.31 5.04
CA CYS A 13 3.69 -6.69 5.42
C CYS A 13 5.18 -7.01 5.32
N LYS A 14 5.98 -5.98 5.04
CA LYS A 14 7.43 -6.15 4.91
C LYS A 14 7.79 -7.06 3.73
N THR A 15 7.27 -6.73 2.56
CA THR A 15 7.55 -7.53 1.37
C THR A 15 7.60 -6.60 0.14
N PRO A 16 8.47 -6.90 -0.80
CA PRO A 16 8.63 -6.06 -2.04
C PRO A 16 7.40 -6.13 -2.95
N TYR A 17 7.23 -5.10 -3.77
CA TYR A 17 6.10 -5.06 -4.69
C TYR A 17 6.14 -6.27 -5.60
N ASP A 18 4.96 -6.73 -6.00
CA ASP A 18 4.87 -7.88 -6.87
C ASP A 18 3.78 -7.70 -7.91
N GLU A 19 4.17 -7.54 -9.17
CA GLU A 19 3.21 -7.36 -10.24
C GLU A 19 2.23 -8.53 -10.28
N SER A 20 2.62 -9.63 -9.62
CA SER A 20 1.75 -10.79 -9.55
C SER A 20 0.66 -10.50 -8.53
N LYS A 21 1.05 -9.66 -7.59
CA LYS A 21 0.17 -9.21 -6.53
C LYS A 21 -0.36 -7.84 -6.89
N PHE A 22 -1.49 -7.49 -6.32
CA PHE A 22 -2.08 -6.20 -6.62
C PHE A 22 -2.02 -5.31 -5.42
N TYR A 23 -1.97 -4.02 -5.68
CA TYR A 23 -1.86 -3.06 -4.59
C TYR A 23 -2.85 -1.94 -4.65
N ILE A 24 -2.85 -1.26 -3.54
CA ILE A 24 -3.65 -0.09 -3.32
C ILE A 24 -2.70 0.98 -2.80
N GLY A 25 -2.63 2.11 -3.47
CA GLY A 25 -1.66 3.12 -3.10
C GLY A 25 -2.15 4.18 -2.12
N CYS A 26 -1.47 4.24 -0.98
CA CYS A 26 -1.72 5.23 0.04
C CYS A 26 -1.76 6.60 -0.67
N ASP A 27 -2.93 7.18 -0.79
CA ASP A 27 -3.03 8.47 -1.45
C ASP A 27 -2.30 9.49 -0.62
N ARG A 28 -2.39 9.25 0.68
CA ARG A 28 -1.74 10.10 1.64
C ARG A 28 -0.35 9.56 2.00
N CYS A 29 -0.22 8.24 2.12
CA CYS A 29 1.08 7.68 2.48
C CYS A 29 1.99 7.52 1.25
N GLN A 30 1.38 7.32 0.08
CA GLN A 30 2.13 7.17 -1.17
C GLN A 30 2.79 5.81 -1.34
N ASN A 31 2.24 4.75 -0.75
CA ASN A 31 2.84 3.43 -0.89
C ASN A 31 1.80 2.38 -1.25
N TRP A 32 2.26 1.21 -1.69
CA TRP A 32 1.35 0.14 -2.12
C TRP A 32 1.51 -1.14 -1.30
N TYR A 33 0.40 -1.79 -1.00
CA TYR A 33 0.43 -3.06 -0.26
C TYR A 33 -0.48 -4.11 -0.91
N HIS A 34 -0.08 -5.39 -0.90
CA HIS A 34 -0.95 -6.40 -1.43
C HIS A 34 -2.26 -6.29 -0.67
N GLY A 35 -3.37 -6.42 -1.36
CA GLY A 35 -4.65 -6.29 -0.70
C GLY A 35 -4.66 -7.00 0.64
N ARG A 36 -4.32 -8.28 0.64
CA ARG A 36 -4.29 -9.04 1.86
C ARG A 36 -3.13 -8.59 2.72
N CYS A 37 -2.15 -7.95 2.10
CA CYS A 37 -1.01 -7.47 2.84
C CYS A 37 -1.47 -6.65 4.03
N VAL A 38 -2.62 -5.99 3.85
CA VAL A 38 -3.19 -5.16 4.90
C VAL A 38 -4.56 -5.66 5.32
N GLY A 39 -4.89 -6.88 4.90
CA GLY A 39 -6.17 -7.49 5.26
C GLY A 39 -7.33 -6.80 4.57
N ILE A 40 -7.19 -6.55 3.27
CA ILE A 40 -8.23 -5.89 2.52
C ILE A 40 -8.85 -6.81 1.47
N LEU A 41 -9.97 -6.38 0.91
CA LEU A 41 -10.66 -7.16 -0.10
C LEU A 41 -9.77 -7.34 -1.32
N GLN A 42 -10.16 -8.28 -2.16
CA GLN A 42 -9.40 -8.59 -3.36
C GLN A 42 -9.66 -7.55 -4.44
N SER A 43 -10.94 -7.37 -4.75
CA SER A 43 -11.33 -6.39 -5.75
C SER A 43 -11.11 -4.99 -5.21
N GLU A 44 -10.93 -4.91 -3.89
CA GLU A 44 -10.74 -3.62 -3.23
C GLU A 44 -9.82 -2.74 -4.04
N ALA A 45 -9.05 -3.35 -4.90
CA ALA A 45 -8.12 -2.60 -5.72
C ALA A 45 -8.86 -1.82 -6.81
N GLU A 46 -9.81 -2.48 -7.48
CA GLU A 46 -10.56 -1.85 -8.57
C GLU A 46 -11.84 -1.12 -8.13
N LEU A 47 -12.62 -1.75 -7.27
CA LEU A 47 -13.90 -1.16 -6.83
C LEU A 47 -13.75 0.22 -6.22
N ILE A 48 -12.60 0.50 -5.62
CA ILE A 48 -12.37 1.80 -5.03
C ILE A 48 -11.86 2.76 -6.08
N ASP A 49 -11.74 3.99 -5.67
CA ASP A 49 -11.27 5.05 -6.55
C ASP A 49 -10.07 5.76 -5.95
N GLU A 50 -10.29 6.51 -4.87
CA GLU A 50 -9.20 7.20 -4.21
C GLU A 50 -8.82 6.41 -2.98
N TYR A 51 -8.21 5.25 -3.21
CA TYR A 51 -7.82 4.39 -2.13
C TYR A 51 -6.76 5.05 -1.29
N VAL A 52 -6.91 4.86 0.00
CA VAL A 52 -5.94 5.37 0.94
C VAL A 52 -5.36 4.21 1.71
N CYS A 53 -4.16 4.40 2.21
CA CYS A 53 -3.49 3.38 2.93
C CYS A 53 -3.87 3.44 4.37
N PRO A 54 -3.65 2.37 5.04
CA PRO A 54 -3.96 2.27 6.46
C PRO A 54 -2.86 2.88 7.31
N GLN A 55 -1.67 2.90 6.73
CA GLN A 55 -0.52 3.49 7.40
C GLN A 55 -0.70 5.00 7.41
N CYS A 56 -1.28 5.51 6.33
CA CYS A 56 -1.52 6.95 6.21
C CYS A 56 -2.62 7.38 7.17
N GLN A 57 -3.57 6.49 7.44
CA GLN A 57 -4.66 6.80 8.35
C GLN A 57 -4.12 7.23 9.70
N SER A 58 -2.95 6.71 10.06
CA SER A 58 -2.34 7.04 11.33
C SER A 58 -2.08 8.54 11.44
N THR A 59 -1.96 9.22 10.29
CA THR A 59 -1.71 10.65 10.29
C THR A 59 -2.78 11.42 9.52
N GLU A 60 -3.56 10.71 8.69
CA GLU A 60 -4.60 11.38 7.92
C GLU A 60 -5.57 12.13 8.86
N ASP A 61 -5.97 13.32 8.44
CA ASP A 61 -6.88 14.13 9.24
C ASP A 61 -8.28 14.16 8.61
N ALA A 62 -9.30 14.33 9.45
CA ALA A 62 -10.67 14.38 8.96
C ALA A 62 -11.65 14.44 10.13
N GLY A 1 8.17 17.45 4.63
CA GLY A 1 9.55 17.00 4.32
C GLY A 1 9.93 15.84 5.23
N PRO A 2 9.35 14.69 5.03
CA PRO A 2 9.64 13.48 5.85
C PRO A 2 11.13 13.22 5.99
N LEU A 3 11.47 12.11 6.63
CA LEU A 3 12.88 11.76 6.82
C LEU A 3 13.63 11.81 5.49
N GLY A 4 12.97 11.36 4.43
CA GLY A 4 13.57 11.35 3.11
C GLY A 4 12.66 10.71 2.08
N SER A 5 12.95 10.95 0.81
CA SER A 5 12.15 10.38 -0.28
C SER A 5 12.21 8.86 -0.26
N ASP A 6 13.32 8.31 0.23
CA ASP A 6 13.49 6.87 0.29
C ASP A 6 12.65 6.27 1.41
N THR A 7 11.77 5.34 1.05
CA THR A 7 10.90 4.67 2.02
C THR A 7 11.06 3.17 1.96
N LYS A 8 10.36 2.49 2.86
CA LYS A 8 10.43 1.04 2.93
C LYS A 8 9.73 0.40 1.72
N LEU A 9 9.66 -0.92 1.72
CA LEU A 9 9.02 -1.65 0.64
C LEU A 9 7.55 -1.25 0.51
N TYR A 10 6.85 -1.88 -0.43
CA TYR A 10 5.45 -1.59 -0.64
C TYR A 10 4.64 -2.11 0.55
N CYS A 11 4.05 -3.27 0.37
CA CYS A 11 3.26 -3.93 1.39
C CYS A 11 3.87 -3.79 2.78
N ILE A 12 3.08 -3.21 3.68
CA ILE A 12 3.50 -3.03 5.06
C ILE A 12 3.80 -4.39 5.67
N CYS A 13 3.47 -5.41 4.89
CA CYS A 13 3.67 -6.79 5.32
C CYS A 13 5.13 -7.19 5.20
N LYS A 14 6.00 -6.20 4.96
CA LYS A 14 7.44 -6.44 4.85
C LYS A 14 7.78 -7.30 3.63
N THR A 15 7.29 -6.90 2.46
CA THR A 15 7.58 -7.65 1.24
C THR A 15 7.66 -6.70 0.03
N PRO A 16 8.48 -7.02 -0.94
CA PRO A 16 8.65 -6.18 -2.17
C PRO A 16 7.44 -6.30 -3.10
N TYR A 17 7.25 -5.32 -3.97
CA TYR A 17 6.13 -5.36 -4.90
C TYR A 17 6.21 -6.61 -5.75
N ASP A 18 5.05 -7.15 -6.08
CA ASP A 18 4.99 -8.35 -6.89
C ASP A 18 3.84 -8.27 -7.87
N GLU A 19 4.16 -8.27 -9.16
CA GLU A 19 3.13 -8.20 -10.19
C GLU A 19 2.19 -9.38 -10.04
N SER A 20 2.62 -10.36 -9.23
CA SER A 20 1.81 -11.53 -8.96
C SER A 20 0.76 -11.14 -7.93
N LYS A 21 1.10 -10.07 -7.23
CA LYS A 21 0.24 -9.50 -6.21
C LYS A 21 -0.22 -8.16 -6.69
N PHE A 22 -1.37 -7.73 -6.23
CA PHE A 22 -1.90 -6.46 -6.64
C PHE A 22 -1.88 -5.48 -5.52
N TYR A 23 -1.82 -4.22 -5.88
CA TYR A 23 -1.75 -3.17 -4.90
C TYR A 23 -2.77 -2.09 -5.05
N ILE A 24 -2.77 -1.32 -4.00
CA ILE A 24 -3.58 -0.14 -3.86
C ILE A 24 -2.59 0.95 -3.51
N GLY A 25 -2.99 2.18 -3.34
CA GLY A 25 -1.99 3.18 -3.03
C GLY A 25 -2.43 4.22 -2.02
N CYS A 26 -1.62 4.33 -0.98
CA CYS A 26 -1.82 5.31 0.06
C CYS A 26 -2.09 6.65 -0.62
N ASP A 27 -3.34 7.09 -0.62
CA ASP A 27 -3.67 8.36 -1.25
C ASP A 27 -3.10 9.47 -0.41
N ARG A 28 -2.85 9.12 0.83
CA ARG A 28 -2.30 10.05 1.79
C ARG A 28 -0.86 9.68 2.16
N CYS A 29 -0.45 8.43 1.90
CA CYS A 29 0.90 8.04 2.27
C CYS A 29 1.72 7.54 1.07
N GLN A 30 1.26 7.85 -0.14
CA GLN A 30 1.98 7.47 -1.35
C GLN A 30 2.70 6.12 -1.19
N ASN A 31 1.97 5.08 -0.79
CA ASN A 31 2.57 3.77 -0.60
C ASN A 31 1.72 2.68 -1.25
N TRP A 32 2.26 1.47 -1.38
CA TRP A 32 1.52 0.39 -2.04
C TRP A 32 1.67 -0.95 -1.33
N TYR A 33 0.55 -1.64 -1.13
CA TYR A 33 0.56 -2.94 -0.44
C TYR A 33 -0.38 -3.94 -1.10
N HIS A 34 -0.11 -5.25 -0.93
CA HIS A 34 -1.03 -6.23 -1.44
C HIS A 34 -2.34 -6.00 -0.72
N GLY A 35 -3.44 -6.14 -1.41
CA GLY A 35 -4.73 -5.90 -0.77
C GLY A 35 -4.78 -6.53 0.61
N ARG A 36 -4.59 -7.84 0.66
CA ARG A 36 -4.62 -8.53 1.93
C ARG A 36 -3.45 -8.09 2.79
N CYS A 37 -2.42 -7.56 2.16
CA CYS A 37 -1.27 -7.10 2.90
C CYS A 37 -1.71 -6.18 4.03
N VAL A 38 -2.79 -5.46 3.78
CA VAL A 38 -3.32 -4.52 4.77
C VAL A 38 -4.71 -4.96 5.25
N GLY A 39 -5.08 -6.19 4.91
CA GLY A 39 -6.37 -6.73 5.33
C GLY A 39 -7.52 -6.12 4.54
N ILE A 40 -7.36 -6.05 3.23
CA ILE A 40 -8.39 -5.45 2.39
C ILE A 40 -8.90 -6.43 1.32
N LEU A 41 -10.01 -6.07 0.70
CA LEU A 41 -10.60 -6.89 -0.36
C LEU A 41 -9.63 -7.02 -1.53
N GLN A 42 -9.90 -7.99 -2.39
CA GLN A 42 -9.07 -8.23 -3.56
C GLN A 42 -9.49 -7.27 -4.63
N SER A 43 -10.79 -7.25 -4.83
CA SER A 43 -11.39 -6.37 -5.79
C SER A 43 -11.03 -4.96 -5.39
N GLU A 44 -11.05 -4.72 -4.08
CA GLU A 44 -10.72 -3.40 -3.54
C GLU A 44 -9.55 -2.81 -4.28
N ALA A 45 -8.84 -3.62 -5.01
CA ALA A 45 -7.69 -3.13 -5.76
C ALA A 45 -8.12 -2.11 -6.83
N GLU A 46 -8.95 -2.55 -7.79
CA GLU A 46 -9.39 -1.68 -8.89
C GLU A 46 -10.69 -0.91 -8.66
N LEU A 47 -11.71 -1.61 -8.19
CA LEU A 47 -13.05 -1.04 -8.03
C LEU A 47 -13.13 0.07 -6.98
N ILE A 48 -12.00 0.59 -6.55
CA ILE A 48 -12.03 1.69 -5.57
C ILE A 48 -11.41 2.93 -6.18
N ASP A 49 -11.58 4.03 -5.48
CA ASP A 49 -11.08 5.30 -5.98
C ASP A 49 -11.07 6.32 -4.85
N GLU A 50 -10.94 5.80 -3.64
CA GLU A 50 -10.89 6.61 -2.45
C GLU A 50 -10.10 5.84 -1.42
N TYR A 51 -9.38 4.82 -1.89
CA TYR A 51 -8.58 4.00 -1.03
C TYR A 51 -7.45 4.79 -0.45
N VAL A 52 -7.10 4.41 0.77
CA VAL A 52 -6.00 5.02 1.46
C VAL A 52 -5.20 3.94 2.14
N CYS A 53 -3.95 4.25 2.43
CA CYS A 53 -3.11 3.31 3.08
C CYS A 53 -3.41 3.32 4.53
N PRO A 54 -3.08 2.28 5.19
CA PRO A 54 -3.35 2.15 6.62
C PRO A 54 -2.29 2.86 7.44
N GLN A 55 -1.10 2.96 6.87
CA GLN A 55 -0.02 3.67 7.53
C GLN A 55 -0.30 5.17 7.47
N CYS A 56 -0.93 5.59 6.39
CA CYS A 56 -1.27 7.00 6.21
C CYS A 56 -2.29 7.44 7.26
N GLN A 57 -3.18 6.54 7.63
CA GLN A 57 -4.21 6.86 8.60
C GLN A 57 -3.58 7.47 9.86
N SER A 58 -2.42 6.96 10.22
CA SER A 58 -1.71 7.48 11.39
C SER A 58 -1.01 8.79 11.04
N THR A 59 -0.57 8.90 9.79
CA THR A 59 0.13 10.11 9.34
C THR A 59 -0.84 11.29 9.21
N GLU A 60 -1.94 11.06 8.50
CA GLU A 60 -2.96 12.12 8.28
C GLU A 60 -2.43 13.49 8.70
N ASP A 61 -1.35 13.93 8.06
CA ASP A 61 -0.76 15.23 8.36
C ASP A 61 -0.84 15.54 9.85
N ALA A 62 -1.95 16.15 10.27
CA ALA A 62 -2.14 16.50 11.68
C ALA A 62 -3.62 16.56 12.01
N GLY A 1 12.69 -0.65 -10.91
CA GLY A 1 12.10 0.50 -11.64
C GLY A 1 11.48 1.48 -10.64
N PRO A 2 12.24 1.89 -9.65
CA PRO A 2 11.77 2.85 -8.61
C PRO A 2 11.54 4.25 -9.18
N LEU A 3 10.72 5.03 -8.50
CA LEU A 3 10.44 6.40 -8.94
C LEU A 3 11.75 7.18 -9.06
N GLY A 4 12.70 6.85 -8.20
CA GLY A 4 14.00 7.52 -8.21
C GLY A 4 14.92 6.94 -7.16
N SER A 5 14.61 7.18 -5.89
CA SER A 5 15.42 6.67 -4.79
C SER A 5 15.38 5.15 -4.75
N ASP A 6 16.31 4.56 -4.00
CA ASP A 6 16.38 3.09 -3.88
C ASP A 6 14.99 2.52 -3.57
N THR A 7 14.81 1.24 -3.83
CA THR A 7 13.53 0.60 -3.59
C THR A 7 13.36 0.22 -2.12
N LYS A 8 12.11 0.00 -1.73
CA LYS A 8 11.77 -0.39 -0.38
C LYS A 8 10.49 -1.23 -0.39
N LEU A 9 10.00 -1.62 0.78
CA LEU A 9 8.79 -2.45 0.85
C LEU A 9 7.53 -1.57 0.77
N TYR A 10 6.55 -2.02 0.00
CA TYR A 10 5.32 -1.25 -0.16
C TYR A 10 4.18 -1.89 0.62
N CYS A 11 4.46 -3.06 1.17
CA CYS A 11 3.49 -3.83 1.95
C CYS A 11 3.78 -3.72 3.43
N ILE A 12 2.80 -3.26 4.21
CA ILE A 12 2.98 -3.16 5.65
C ILE A 12 3.29 -4.56 6.16
N CYS A 13 3.13 -5.50 5.24
CA CYS A 13 3.36 -6.90 5.50
C CYS A 13 4.84 -7.21 5.33
N LYS A 14 5.62 -6.17 5.03
CA LYS A 14 7.07 -6.30 4.85
C LYS A 14 7.43 -7.11 3.60
N THR A 15 7.08 -6.60 2.41
CA THR A 15 7.41 -7.32 1.18
C THR A 15 7.47 -6.34 0.00
N PRO A 16 8.41 -6.54 -0.90
CA PRO A 16 8.58 -5.67 -2.11
C PRO A 16 7.39 -5.77 -3.06
N TYR A 17 7.22 -4.75 -3.90
CA TYR A 17 6.12 -4.73 -4.85
C TYR A 17 6.32 -5.78 -5.93
N ASP A 18 5.23 -6.45 -6.29
CA ASP A 18 5.28 -7.45 -7.33
C ASP A 18 4.02 -7.36 -8.18
N GLU A 19 4.21 -7.27 -9.49
CA GLU A 19 3.09 -7.16 -10.40
C GLU A 19 2.13 -8.35 -10.24
N SER A 20 2.64 -9.44 -9.69
CA SER A 20 1.80 -10.61 -9.46
C SER A 20 0.78 -10.26 -8.40
N LYS A 21 1.25 -9.42 -7.49
CA LYS A 21 0.44 -8.91 -6.40
C LYS A 21 -0.32 -7.71 -6.87
N PHE A 22 -1.46 -7.48 -6.25
CA PHE A 22 -2.28 -6.34 -6.59
C PHE A 22 -2.31 -5.41 -5.41
N TYR A 23 -2.25 -4.14 -5.69
CA TYR A 23 -2.18 -3.16 -4.63
C TYR A 23 -3.28 -2.14 -4.62
N ILE A 24 -3.21 -1.45 -3.52
CA ILE A 24 -4.06 -0.32 -3.21
C ILE A 24 -3.09 0.74 -2.74
N GLY A 25 -3.02 1.85 -3.43
CA GLY A 25 -2.02 2.85 -3.11
C GLY A 25 -2.45 3.92 -2.09
N CYS A 26 -1.63 4.02 -1.05
CA CYS A 26 -1.80 5.02 -0.02
C CYS A 26 -2.02 6.36 -0.72
N ASP A 27 -3.25 6.86 -0.65
CA ASP A 27 -3.57 8.11 -1.30
C ASP A 27 -2.72 9.20 -0.71
N ARG A 28 -2.38 9.02 0.55
CA ARG A 28 -1.58 9.98 1.27
C ARG A 28 -0.20 9.43 1.65
N CYS A 29 -0.02 8.11 1.67
CA CYS A 29 1.27 7.57 2.07
C CYS A 29 2.06 6.98 0.91
N GLN A 30 1.72 7.38 -0.31
CA GLN A 30 2.43 6.94 -1.50
C GLN A 30 3.00 5.52 -1.34
N ASN A 31 2.19 4.58 -0.87
CA ASN A 31 2.66 3.22 -0.69
C ASN A 31 1.67 2.22 -1.29
N TRP A 32 2.15 1.00 -1.57
CA TRP A 32 1.29 -0.02 -2.16
C TRP A 32 1.48 -1.37 -1.47
N TYR A 33 0.40 -1.94 -0.96
CA TYR A 33 0.48 -3.24 -0.27
C TYR A 33 -0.48 -4.25 -0.89
N HIS A 34 -0.17 -5.57 -0.78
CA HIS A 34 -1.11 -6.56 -1.29
C HIS A 34 -2.43 -6.24 -0.61
N GLY A 35 -3.54 -6.46 -1.29
CA GLY A 35 -4.82 -6.17 -0.68
C GLY A 35 -4.90 -6.71 0.73
N ARG A 36 -4.62 -7.99 0.89
CA ARG A 36 -4.68 -8.60 2.21
C ARG A 36 -3.48 -8.14 3.03
N CYS A 37 -2.47 -7.65 2.34
CA CYS A 37 -1.28 -7.20 3.03
C CYS A 37 -1.71 -6.25 4.14
N VAL A 38 -2.81 -5.55 3.89
CA VAL A 38 -3.35 -4.61 4.87
C VAL A 38 -4.72 -5.07 5.34
N GLY A 39 -5.10 -6.30 4.97
CA GLY A 39 -6.38 -6.85 5.36
C GLY A 39 -7.53 -6.23 4.59
N ILE A 40 -7.34 -6.12 3.28
CA ILE A 40 -8.35 -5.52 2.42
C ILE A 40 -8.87 -6.54 1.41
N LEU A 41 -9.96 -6.18 0.76
CA LEU A 41 -10.53 -7.07 -0.25
C LEU A 41 -9.57 -7.20 -1.41
N GLN A 42 -9.79 -8.20 -2.23
CA GLN A 42 -8.92 -8.47 -3.36
C GLN A 42 -9.23 -7.53 -4.51
N SER A 43 -10.49 -7.51 -4.91
CA SER A 43 -10.92 -6.67 -6.01
C SER A 43 -10.90 -5.20 -5.60
N GLU A 44 -10.80 -4.96 -4.29
CA GLU A 44 -10.80 -3.59 -3.78
C GLU A 44 -9.90 -2.71 -4.62
N ALA A 45 -8.86 -3.28 -5.17
CA ALA A 45 -7.96 -2.50 -5.99
C ALA A 45 -8.69 -1.95 -7.23
N GLU A 46 -9.59 -2.75 -7.79
CA GLU A 46 -10.33 -2.34 -8.99
C GLU A 46 -11.61 -1.57 -8.71
N LEU A 47 -12.25 -1.90 -7.61
CA LEU A 47 -13.52 -1.28 -7.25
C LEU A 47 -13.36 -0.13 -6.32
N ILE A 48 -12.15 0.38 -6.22
CA ILE A 48 -11.94 1.47 -5.32
C ILE A 48 -11.43 2.71 -6.02
N ASP A 49 -11.85 3.86 -5.48
CA ASP A 49 -11.46 5.14 -6.05
C ASP A 49 -10.23 5.72 -5.36
N GLU A 50 -10.42 6.35 -4.20
CA GLU A 50 -9.32 6.95 -3.47
C GLU A 50 -8.93 6.08 -2.29
N TYR A 51 -8.36 4.92 -2.58
CA TYR A 51 -7.95 4.05 -1.50
C TYR A 51 -6.82 4.71 -0.76
N VAL A 52 -6.86 4.60 0.55
CA VAL A 52 -5.81 5.16 1.37
C VAL A 52 -5.16 4.05 2.15
N CYS A 53 -3.90 4.24 2.45
CA CYS A 53 -3.15 3.28 3.15
C CYS A 53 -3.41 3.40 4.61
N PRO A 54 -3.11 2.38 5.32
CA PRO A 54 -3.32 2.35 6.77
C PRO A 54 -2.21 3.08 7.51
N GLN A 55 -1.03 3.07 6.92
CA GLN A 55 0.10 3.77 7.50
C GLN A 55 -0.14 5.27 7.38
N CYS A 56 -0.82 5.63 6.28
CA CYS A 56 -1.14 7.02 6.01
C CYS A 56 -2.05 7.57 7.10
N GLN A 57 -3.00 6.75 7.54
CA GLN A 57 -3.93 7.15 8.57
C GLN A 57 -3.19 7.65 9.80
N SER A 58 -1.91 7.30 9.89
CA SER A 58 -1.10 7.72 11.02
C SER A 58 -1.16 9.24 11.20
N THR A 59 -1.26 9.96 10.08
CA THR A 59 -1.32 11.43 10.13
C THR A 59 -2.56 11.97 9.44
N GLU A 60 -3.21 11.15 8.60
CA GLU A 60 -4.41 11.60 7.89
C GLU A 60 -4.23 13.02 7.37
N ASP A 61 -5.02 13.95 7.90
CA ASP A 61 -4.93 15.34 7.49
C ASP A 61 -3.61 15.96 7.93
N ALA A 62 -3.36 17.19 7.52
CA ALA A 62 -2.12 17.87 7.88
C ALA A 62 -2.18 19.35 7.49
N GLY A 1 25.29 7.60 8.99
CA GLY A 1 24.55 8.88 9.09
C GLY A 1 23.34 8.84 8.16
N PRO A 2 22.30 8.17 8.56
CA PRO A 2 21.05 8.05 7.74
C PRO A 2 20.50 9.41 7.34
N LEU A 3 20.75 10.41 8.18
CA LEU A 3 20.28 11.76 7.90
C LEU A 3 18.75 11.80 7.88
N GLY A 4 18.18 11.33 6.77
CA GLY A 4 16.71 11.31 6.63
C GLY A 4 16.12 10.06 7.27
N SER A 5 14.80 9.93 7.20
CA SER A 5 14.13 8.76 7.77
C SER A 5 14.35 7.54 6.89
N ASP A 6 14.19 6.35 7.49
CA ASP A 6 14.36 5.11 6.76
C ASP A 6 13.05 4.73 6.05
N THR A 7 13.11 4.60 4.73
CA THR A 7 11.92 4.24 3.97
C THR A 7 11.71 2.73 4.00
N LYS A 8 10.51 2.31 3.61
CA LYS A 8 10.18 0.89 3.60
C LYS A 8 9.58 0.48 2.26
N LEU A 9 9.65 -0.81 1.96
CA LEU A 9 9.11 -1.33 0.71
C LEU A 9 7.60 -1.09 0.63
N TYR A 10 6.95 -1.61 -0.41
CA TYR A 10 5.53 -1.43 -0.58
C TYR A 10 4.77 -2.00 0.62
N CYS A 11 4.16 -3.15 0.39
CA CYS A 11 3.38 -3.87 1.39
C CYS A 11 3.96 -3.77 2.79
N ILE A 12 3.14 -3.26 3.70
CA ILE A 12 3.51 -3.13 5.10
C ILE A 12 3.82 -4.53 5.62
N CYS A 13 3.40 -5.50 4.84
CA CYS A 13 3.59 -6.90 5.17
C CYS A 13 5.06 -7.29 5.01
N LYS A 14 5.88 -6.28 4.70
CA LYS A 14 7.32 -6.49 4.54
C LYS A 14 7.65 -7.36 3.33
N THR A 15 7.07 -7.03 2.18
CA THR A 15 7.34 -7.78 0.96
C THR A 15 7.44 -6.83 -0.25
N PRO A 16 8.54 -6.86 -0.97
CA PRO A 16 8.74 -5.98 -2.17
C PRO A 16 7.59 -6.14 -3.18
N TYR A 17 7.39 -5.12 -4.01
CA TYR A 17 6.32 -5.18 -5.00
C TYR A 17 6.54 -6.32 -5.95
N ASP A 18 5.48 -7.06 -6.20
CA ASP A 18 5.52 -8.18 -7.11
C ASP A 18 4.24 -8.22 -7.91
N GLU A 19 4.33 -8.02 -9.21
CA GLU A 19 3.13 -8.02 -10.05
C GLU A 19 2.21 -9.17 -9.66
N SER A 20 2.74 -10.11 -8.88
CA SER A 20 1.94 -11.25 -8.43
C SER A 20 0.79 -10.72 -7.56
N LYS A 21 1.11 -9.70 -6.77
CA LYS A 21 0.13 -9.07 -5.90
C LYS A 21 -0.33 -7.80 -6.56
N PHE A 22 -1.40 -7.24 -6.05
CA PHE A 22 -1.91 -6.00 -6.57
C PHE A 22 -1.92 -4.97 -5.49
N TYR A 23 -1.59 -3.76 -5.85
CA TYR A 23 -1.48 -2.71 -4.87
C TYR A 23 -2.49 -1.62 -4.98
N ILE A 24 -2.64 -1.04 -3.83
CA ILE A 24 -3.50 0.11 -3.60
C ILE A 24 -2.59 1.19 -3.05
N GLY A 25 -2.58 2.35 -3.66
CA GLY A 25 -1.65 3.38 -3.23
C GLY A 25 -2.20 4.35 -2.18
N CYS A 26 -1.46 4.41 -1.07
CA CYS A 26 -1.75 5.30 0.02
C CYS A 26 -1.94 6.71 -0.53
N ASP A 27 -3.18 7.19 -0.54
CA ASP A 27 -3.44 8.52 -1.07
C ASP A 27 -2.63 9.55 -0.30
N ARG A 28 -2.43 9.31 1.00
CA ARG A 28 -1.68 10.24 1.83
C ARG A 28 -0.36 9.63 2.31
N CYS A 29 -0.18 8.30 2.15
CA CYS A 29 1.07 7.71 2.62
C CYS A 29 1.94 7.25 1.45
N GLN A 30 1.58 7.68 0.24
CA GLN A 30 2.34 7.32 -0.96
C GLN A 30 2.99 5.96 -0.80
N ASN A 31 2.20 4.95 -0.45
CA ASN A 31 2.71 3.62 -0.24
C ASN A 31 1.85 2.61 -0.97
N TRP A 32 2.34 1.37 -1.11
CA TRP A 32 1.60 0.37 -1.85
C TRP A 32 1.71 -1.02 -1.19
N TYR A 33 0.58 -1.70 -1.03
CA TYR A 33 0.57 -3.02 -0.39
C TYR A 33 -0.35 -4.02 -1.11
N HIS A 34 -0.09 -5.35 -0.98
CA HIS A 34 -1.01 -6.29 -1.56
C HIS A 34 -2.34 -6.03 -0.87
N GLY A 35 -3.44 -6.21 -1.57
CA GLY A 35 -4.71 -5.96 -0.94
C GLY A 35 -4.81 -6.66 0.40
N ARG A 36 -4.50 -7.94 0.41
CA ARG A 36 -4.55 -8.70 1.64
C ARG A 36 -3.36 -8.34 2.52
N CYS A 37 -2.35 -7.74 1.90
CA CYS A 37 -1.17 -7.35 2.66
C CYS A 37 -1.61 -6.55 3.88
N VAL A 38 -2.71 -5.83 3.72
CA VAL A 38 -3.25 -5.01 4.80
C VAL A 38 -4.62 -5.52 5.24
N GLY A 39 -4.92 -6.77 4.88
CA GLY A 39 -6.20 -7.37 5.27
C GLY A 39 -7.37 -6.69 4.59
N ILE A 40 -7.23 -6.45 3.30
CA ILE A 40 -8.27 -5.76 2.55
C ILE A 40 -8.91 -6.72 1.53
N LEU A 41 -10.07 -6.32 1.02
CA LEU A 41 -10.77 -7.13 0.03
C LEU A 41 -9.88 -7.36 -1.19
N GLN A 42 -10.25 -8.32 -2.00
CA GLN A 42 -9.48 -8.68 -3.18
C GLN A 42 -9.72 -7.69 -4.31
N SER A 43 -10.99 -7.54 -4.67
CA SER A 43 -11.36 -6.63 -5.74
C SER A 43 -11.17 -5.21 -5.25
N GLU A 44 -11.05 -5.05 -3.94
CA GLU A 44 -10.91 -3.74 -3.33
C GLU A 44 -9.95 -2.89 -4.12
N ALA A 45 -9.12 -3.52 -4.92
CA ALA A 45 -8.16 -2.78 -5.71
C ALA A 45 -8.85 -1.95 -6.80
N GLU A 46 -9.78 -2.58 -7.52
CA GLU A 46 -10.49 -1.91 -8.62
C GLU A 46 -11.75 -1.14 -8.18
N LEU A 47 -12.58 -1.78 -7.37
CA LEU A 47 -13.84 -1.19 -6.94
C LEU A 47 -13.67 0.18 -6.30
N ILE A 48 -12.52 0.42 -5.70
CA ILE A 48 -12.27 1.71 -5.07
C ILE A 48 -11.74 2.67 -6.09
N ASP A 49 -11.60 3.90 -5.67
CA ASP A 49 -11.13 4.95 -6.54
C ASP A 49 -10.13 5.84 -5.80
N GLU A 50 -10.53 6.35 -4.65
CA GLU A 50 -9.66 7.17 -3.83
C GLU A 50 -9.17 6.33 -2.68
N TYR A 51 -8.56 5.19 -3.01
CA TYR A 51 -8.07 4.31 -1.98
C TYR A 51 -6.98 4.98 -1.21
N VAL A 52 -6.99 4.73 0.08
CA VAL A 52 -5.99 5.27 0.95
C VAL A 52 -5.36 4.16 1.74
N CYS A 53 -4.14 4.37 2.16
CA CYS A 53 -3.43 3.39 2.90
C CYS A 53 -3.84 3.44 4.32
N PRO A 54 -3.61 2.39 5.01
CA PRO A 54 -3.97 2.29 6.43
C PRO A 54 -2.93 2.96 7.32
N GLN A 55 -1.71 3.02 6.81
CA GLN A 55 -0.63 3.68 7.54
C GLN A 55 -0.82 5.18 7.46
N CYS A 56 -1.36 5.62 6.34
CA CYS A 56 -1.60 7.05 6.12
C CYS A 56 -2.64 7.58 7.10
N GLN A 57 -3.66 6.78 7.36
CA GLN A 57 -4.72 7.21 8.27
C GLN A 57 -4.12 7.73 9.56
N SER A 58 -3.09 7.05 10.03
CA SER A 58 -2.41 7.47 11.24
C SER A 58 -1.59 8.72 10.96
N THR A 59 -1.14 8.84 9.70
CA THR A 59 -0.35 9.99 9.30
C THR A 59 -1.22 11.23 9.18
N GLU A 60 -2.28 11.15 8.39
CA GLU A 60 -3.19 12.28 8.22
C GLU A 60 -4.63 11.88 8.48
N ASP A 61 -5.46 12.85 8.85
CA ASP A 61 -6.86 12.60 9.12
C ASP A 61 -7.75 13.60 8.39
N ALA A 62 -9.03 13.29 8.26
CA ALA A 62 -9.97 14.18 7.58
C ALA A 62 -9.57 14.37 6.12
N GLY A 1 9.13 13.56 8.82
CA GLY A 1 9.42 13.54 10.27
C GLY A 1 9.97 12.17 10.66
N PRO A 2 9.16 11.14 10.58
CA PRO A 2 9.57 9.75 10.92
C PRO A 2 10.86 9.34 10.21
N LEU A 3 11.71 8.60 10.92
CA LEU A 3 12.97 8.14 10.35
C LEU A 3 12.82 6.73 9.78
N GLY A 4 13.59 6.42 8.74
CA GLY A 4 13.52 5.10 8.11
C GLY A 4 12.58 5.11 6.92
N SER A 5 12.21 6.30 6.48
CA SER A 5 11.30 6.45 5.35
C SER A 5 12.06 6.26 4.04
N ASP A 6 13.33 5.90 4.13
CA ASP A 6 14.15 5.69 2.94
C ASP A 6 13.52 4.66 2.02
N THR A 7 14.34 4.00 1.20
CA THR A 7 13.82 3.00 0.27
C THR A 7 13.61 1.66 0.98
N LYS A 8 12.36 1.23 1.05
CA LYS A 8 12.03 -0.04 1.69
C LYS A 8 10.86 -0.71 0.98
N LEU A 9 10.44 -1.85 1.52
CA LEU A 9 9.34 -2.60 0.96
C LEU A 9 8.06 -1.77 1.08
N TYR A 10 7.05 -2.09 0.26
CA TYR A 10 5.81 -1.34 0.32
C TYR A 10 4.82 -2.06 1.24
N CYS A 11 4.32 -3.18 0.76
CA CYS A 11 3.39 -4.00 1.53
C CYS A 11 3.82 -4.06 2.99
N ILE A 12 3.04 -3.42 3.85
CA ILE A 12 3.33 -3.41 5.28
C ILE A 12 3.55 -4.84 5.74
N CYS A 13 3.27 -5.77 4.83
CA CYS A 13 3.43 -7.19 5.08
C CYS A 13 4.88 -7.59 4.86
N LYS A 14 5.78 -6.64 5.11
CA LYS A 14 7.22 -6.87 4.94
C LYS A 14 7.51 -7.64 3.65
N THR A 15 7.05 -7.10 2.52
CA THR A 15 7.30 -7.74 1.23
C THR A 15 7.48 -6.68 0.15
N PRO A 16 8.39 -6.89 -0.78
CA PRO A 16 8.64 -5.93 -1.89
C PRO A 16 7.51 -5.93 -2.91
N TYR A 17 7.32 -4.82 -3.62
CA TYR A 17 6.27 -4.75 -4.60
C TYR A 17 6.44 -5.85 -5.62
N ASP A 18 5.33 -6.45 -5.98
CA ASP A 18 5.34 -7.51 -6.96
C ASP A 18 4.13 -7.41 -7.87
N GLU A 19 4.37 -7.23 -9.16
CA GLU A 19 3.27 -7.13 -10.11
C GLU A 19 2.33 -8.32 -9.91
N SER A 20 2.88 -9.39 -9.35
CA SER A 20 2.09 -10.58 -9.06
C SER A 20 1.02 -10.20 -8.06
N LYS A 21 1.41 -9.31 -7.17
CA LYS A 21 0.53 -8.79 -6.14
C LYS A 21 -0.15 -7.57 -6.66
N PHE A 22 -1.32 -7.27 -6.12
CA PHE A 22 -2.03 -6.10 -6.53
C PHE A 22 -2.20 -5.16 -5.38
N TYR A 23 -1.73 -3.97 -5.61
CA TYR A 23 -1.72 -2.95 -4.60
C TYR A 23 -2.80 -1.90 -4.76
N ILE A 24 -2.95 -1.26 -3.65
CA ILE A 24 -3.85 -0.13 -3.47
C ILE A 24 -2.98 0.91 -2.80
N GLY A 25 -2.78 2.03 -3.46
CA GLY A 25 -1.85 3.02 -2.95
C GLY A 25 -2.39 4.02 -1.94
N CYS A 26 -1.58 4.21 -0.91
CA CYS A 26 -1.82 5.17 0.14
C CYS A 26 -2.20 6.49 -0.50
N ASP A 27 -3.41 6.96 -0.24
CA ASP A 27 -3.83 8.22 -0.83
C ASP A 27 -2.78 9.29 -0.57
N ARG A 28 -2.32 9.38 0.68
CA ARG A 28 -1.31 10.37 1.03
C ARG A 28 0.00 9.75 1.49
N CYS A 29 0.08 8.42 1.67
CA CYS A 29 1.33 7.84 2.13
C CYS A 29 2.15 7.29 0.98
N GLN A 30 1.77 7.68 -0.24
CA GLN A 30 2.47 7.26 -1.44
C GLN A 30 3.09 5.88 -1.28
N ASN A 31 2.31 4.91 -0.83
CA ASN A 31 2.80 3.56 -0.63
C ASN A 31 1.84 2.56 -1.26
N TRP A 32 2.30 1.32 -1.46
CA TRP A 32 1.45 0.29 -2.07
C TRP A 32 1.59 -1.04 -1.33
N TYR A 33 0.47 -1.61 -0.90
CA TYR A 33 0.50 -2.88 -0.20
C TYR A 33 -0.40 -3.87 -0.91
N HIS A 34 -0.01 -5.14 -0.99
CA HIS A 34 -0.89 -6.09 -1.62
C HIS A 34 -2.21 -6.00 -0.88
N GLY A 35 -3.29 -6.22 -1.59
CA GLY A 35 -4.60 -6.04 -0.98
C GLY A 35 -4.68 -6.58 0.43
N ARG A 36 -4.44 -7.86 0.61
CA ARG A 36 -4.51 -8.45 1.94
C ARG A 36 -3.39 -7.94 2.78
N CYS A 37 -2.36 -7.45 2.11
CA CYS A 37 -1.22 -6.93 2.81
C CYS A 37 -1.71 -5.98 3.89
N VAL A 38 -2.89 -5.41 3.64
CA VAL A 38 -3.50 -4.49 4.60
C VAL A 38 -4.90 -4.95 4.99
N GLY A 39 -5.28 -6.14 4.55
CA GLY A 39 -6.60 -6.69 4.89
C GLY A 39 -7.67 -6.09 3.99
N ILE A 40 -7.39 -6.05 2.71
CA ILE A 40 -8.32 -5.48 1.76
C ILE A 40 -8.99 -6.57 0.94
N LEU A 41 -10.18 -6.26 0.43
CA LEU A 41 -10.92 -7.21 -0.39
C LEU A 41 -10.12 -7.54 -1.63
N GLN A 42 -10.53 -8.58 -2.32
CA GLN A 42 -9.86 -9.00 -3.53
C GLN A 42 -10.13 -7.99 -4.63
N SER A 43 -11.40 -7.72 -4.86
CA SER A 43 -11.81 -6.77 -5.87
C SER A 43 -11.57 -5.36 -5.39
N GLU A 44 -11.34 -5.23 -4.07
CA GLU A 44 -11.11 -3.91 -3.49
C GLU A 44 -10.18 -3.10 -4.35
N ALA A 45 -9.46 -3.77 -5.23
CA ALA A 45 -8.55 -3.08 -6.12
C ALA A 45 -9.32 -2.29 -7.19
N GLU A 46 -10.36 -2.90 -7.77
CA GLU A 46 -11.13 -2.22 -8.83
C GLU A 46 -12.27 -1.37 -8.28
N LEU A 47 -13.10 -1.98 -7.46
CA LEU A 47 -14.23 -1.28 -6.86
C LEU A 47 -13.76 -0.15 -6.00
N ILE A 48 -12.48 0.13 -6.10
CA ILE A 48 -11.91 1.16 -5.29
C ILE A 48 -11.44 2.35 -6.11
N ASP A 49 -11.76 3.54 -5.62
CA ASP A 49 -11.41 4.79 -6.28
C ASP A 49 -10.06 5.30 -5.80
N GLU A 50 -10.02 5.81 -4.56
CA GLU A 50 -8.79 6.31 -4.00
C GLU A 50 -8.59 5.70 -2.62
N TYR A 51 -8.13 4.46 -2.60
CA TYR A 51 -7.90 3.77 -1.35
C TYR A 51 -6.78 4.46 -0.61
N VAL A 52 -6.87 4.45 0.71
CA VAL A 52 -5.83 5.07 1.51
C VAL A 52 -5.05 4.01 2.25
N CYS A 53 -3.86 4.36 2.66
CA CYS A 53 -3.01 3.45 3.34
C CYS A 53 -3.25 3.55 4.82
N PRO A 54 -2.87 2.54 5.51
CA PRO A 54 -3.05 2.50 6.97
C PRO A 54 -1.97 3.31 7.66
N GLN A 55 -0.81 3.37 7.04
CA GLN A 55 0.29 4.15 7.57
C GLN A 55 -0.10 5.62 7.43
N CYS A 56 -0.84 5.89 6.36
CA CYS A 56 -1.32 7.22 6.07
C CYS A 56 -2.22 7.71 7.21
N GLN A 57 -3.08 6.81 7.68
CA GLN A 57 -4.00 7.14 8.76
C GLN A 57 -3.23 7.61 9.99
N SER A 58 -2.08 6.98 10.23
CA SER A 58 -1.26 7.38 11.37
C SER A 58 -0.84 8.83 11.21
N THR A 59 -0.53 9.21 9.97
CA THR A 59 -0.13 10.58 9.68
C THR A 59 -1.34 11.51 9.63
N GLU A 60 -2.39 11.10 8.90
CA GLU A 60 -3.60 11.93 8.80
C GLU A 60 -4.79 11.23 9.46
N ASP A 61 -5.68 12.02 10.04
CA ASP A 61 -6.86 11.46 10.69
C ASP A 61 -6.47 10.44 11.75
N ALA A 62 -5.48 10.79 12.57
CA ALA A 62 -5.00 9.91 13.62
C ALA A 62 -5.57 10.34 14.98
N GLY A 1 28.53 -7.05 2.25
CA GLY A 1 28.62 -6.69 0.80
C GLY A 1 27.30 -6.09 0.35
N PRO A 2 27.30 -5.41 -0.77
CA PRO A 2 26.07 -4.76 -1.32
C PRO A 2 25.02 -5.80 -1.71
N LEU A 3 23.84 -5.70 -1.10
CA LEU A 3 22.75 -6.63 -1.40
C LEU A 3 22.32 -6.47 -2.84
N GLY A 4 22.30 -5.23 -3.33
CA GLY A 4 21.90 -4.96 -4.71
C GLY A 4 20.38 -4.91 -4.84
N SER A 5 19.72 -4.15 -3.96
CA SER A 5 18.27 -4.03 -4.00
C SER A 5 17.87 -2.76 -4.74
N ASP A 6 16.97 -2.91 -5.71
CA ASP A 6 16.51 -1.77 -6.50
C ASP A 6 15.69 -0.80 -5.66
N THR A 7 14.86 -1.34 -4.77
CA THR A 7 14.02 -0.48 -3.93
C THR A 7 13.75 -1.14 -2.58
N LYS A 8 12.83 -0.53 -1.83
CA LYS A 8 12.47 -1.04 -0.51
C LYS A 8 11.11 -1.74 -0.55
N LEU A 9 10.65 -2.19 0.62
CA LEU A 9 9.38 -2.89 0.73
C LEU A 9 8.22 -1.90 0.81
N TYR A 10 7.08 -2.26 0.22
CA TYR A 10 5.92 -1.40 0.24
C TYR A 10 4.89 -1.99 1.20
N CYS A 11 4.34 -3.13 0.82
CA CYS A 11 3.38 -3.85 1.64
C CYS A 11 3.80 -3.83 3.10
N ILE A 12 2.97 -3.19 3.93
CA ILE A 12 3.24 -3.11 5.35
C ILE A 12 3.49 -4.50 5.90
N CYS A 13 3.27 -5.49 5.03
CA CYS A 13 3.45 -6.89 5.38
C CYS A 13 4.94 -7.26 5.31
N LYS A 14 5.78 -6.27 5.02
CA LYS A 14 7.23 -6.50 4.94
C LYS A 14 7.60 -7.37 3.74
N THR A 15 7.18 -6.96 2.54
CA THR A 15 7.49 -7.72 1.34
C THR A 15 7.64 -6.76 0.14
N PRO A 16 8.53 -7.05 -0.78
CA PRO A 16 8.77 -6.20 -1.98
C PRO A 16 7.57 -6.21 -2.91
N TYR A 17 7.37 -5.11 -3.64
CA TYR A 17 6.25 -5.03 -4.57
C TYR A 17 6.30 -6.21 -5.52
N ASP A 18 5.14 -6.68 -5.92
CA ASP A 18 5.06 -7.81 -6.83
C ASP A 18 3.94 -7.61 -7.85
N GLU A 19 4.32 -7.44 -9.10
CA GLU A 19 3.34 -7.25 -10.17
C GLU A 19 2.36 -8.42 -10.18
N SER A 20 2.74 -9.51 -9.54
CA SER A 20 1.87 -10.67 -9.45
C SER A 20 0.75 -10.32 -8.49
N LYS A 21 1.13 -9.49 -7.53
CA LYS A 21 0.23 -9.00 -6.52
C LYS A 21 -0.27 -7.64 -6.92
N PHE A 22 -1.41 -7.25 -6.39
CA PHE A 22 -1.96 -5.96 -6.70
C PHE A 22 -1.96 -5.09 -5.48
N TYR A 23 -1.77 -3.81 -5.71
CA TYR A 23 -1.68 -2.88 -4.61
C TYR A 23 -2.69 -1.77 -4.68
N ILE A 24 -2.77 -1.14 -3.54
CA ILE A 24 -3.61 0.03 -3.32
C ILE A 24 -2.66 1.09 -2.81
N GLY A 25 -2.58 2.19 -3.52
CA GLY A 25 -1.63 3.20 -3.15
C GLY A 25 -2.13 4.18 -2.10
N CYS A 26 -1.36 4.27 -1.02
CA CYS A 26 -1.62 5.20 0.06
C CYS A 26 -1.91 6.54 -0.59
N ASP A 27 -3.16 6.97 -0.57
CA ASP A 27 -3.53 8.22 -1.20
C ASP A 27 -2.77 9.34 -0.55
N ARG A 28 -2.47 9.13 0.72
CA ARG A 28 -1.75 10.12 1.50
C ARG A 28 -0.36 9.62 1.90
N CYS A 29 -0.07 8.31 1.76
CA CYS A 29 1.25 7.81 2.12
C CYS A 29 2.05 7.34 0.90
N GLN A 30 1.55 7.66 -0.29
CA GLN A 30 2.21 7.27 -1.53
C GLN A 30 2.92 5.92 -1.41
N ASN A 31 2.22 4.91 -0.90
CA ASN A 31 2.81 3.58 -0.75
C ASN A 31 1.84 2.53 -1.30
N TRP A 32 2.33 1.30 -1.50
CA TRP A 32 1.49 0.24 -2.08
C TRP A 32 1.63 -1.07 -1.31
N TYR A 33 0.50 -1.70 -0.99
CA TYR A 33 0.51 -2.98 -0.27
C TYR A 33 -0.43 -3.98 -0.94
N HIS A 34 -0.08 -5.28 -0.97
CA HIS A 34 -1.00 -6.24 -1.52
C HIS A 34 -2.34 -6.02 -0.83
N GLY A 35 -3.42 -6.17 -1.56
CA GLY A 35 -4.74 -5.95 -0.96
C GLY A 35 -4.82 -6.55 0.43
N ARG A 36 -4.62 -7.85 0.51
CA ARG A 36 -4.67 -8.52 1.79
C ARG A 36 -3.49 -8.11 2.65
N CYS A 37 -2.45 -7.58 2.01
CA CYS A 37 -1.29 -7.16 2.77
C CYS A 37 -1.75 -6.29 3.93
N VAL A 38 -2.86 -5.60 3.70
CA VAL A 38 -3.43 -4.72 4.73
C VAL A 38 -4.81 -5.19 5.15
N GLY A 39 -5.21 -6.37 4.66
CA GLY A 39 -6.50 -6.93 5.02
C GLY A 39 -7.64 -6.29 4.26
N ILE A 40 -7.47 -6.12 2.96
CA ILE A 40 -8.51 -5.51 2.13
C ILE A 40 -9.10 -6.51 1.15
N LEU A 41 -10.22 -6.15 0.55
CA LEU A 41 -10.88 -7.02 -0.40
C LEU A 41 -10.01 -7.24 -1.63
N GLN A 42 -10.33 -8.28 -2.37
CA GLN A 42 -9.58 -8.60 -3.57
C GLN A 42 -10.05 -7.68 -4.69
N SER A 43 -11.36 -7.70 -4.91
CA SER A 43 -11.97 -6.86 -5.92
C SER A 43 -11.68 -5.40 -5.60
N GLU A 44 -11.20 -5.18 -4.39
CA GLU A 44 -10.89 -3.84 -3.92
C GLU A 44 -10.25 -3.01 -5.03
N ALA A 45 -9.17 -3.52 -5.55
CA ALA A 45 -8.44 -2.83 -6.57
C ALA A 45 -9.36 -2.54 -7.77
N GLU A 46 -10.40 -3.34 -7.93
CA GLU A 46 -11.34 -3.15 -9.03
C GLU A 46 -12.45 -2.16 -8.65
N LEU A 47 -12.72 -2.07 -7.36
CA LEU A 47 -13.78 -1.23 -6.85
C LEU A 47 -13.27 -0.14 -5.96
N ILE A 48 -11.97 0.05 -5.94
CA ILE A 48 -11.42 1.04 -5.06
C ILE A 48 -10.69 2.13 -5.83
N ASP A 49 -10.77 3.36 -5.32
CA ASP A 49 -10.16 4.50 -5.96
C ASP A 49 -9.67 5.53 -4.93
N GLU A 50 -10.48 5.78 -3.91
CA GLU A 50 -10.11 6.73 -2.88
C GLU A 50 -9.48 5.97 -1.73
N TYR A 51 -8.92 4.81 -2.07
CA TYR A 51 -8.30 4.01 -1.05
C TYR A 51 -7.10 4.74 -0.52
N VAL A 52 -6.90 4.62 0.77
CA VAL A 52 -5.78 5.24 1.41
C VAL A 52 -5.08 4.19 2.24
N CYS A 53 -3.82 4.43 2.52
CA CYS A 53 -3.04 3.50 3.25
C CYS A 53 -3.33 3.60 4.71
N PRO A 54 -3.02 2.57 5.40
CA PRO A 54 -3.26 2.51 6.85
C PRO A 54 -2.17 3.21 7.62
N GLN A 55 -1.05 3.46 6.94
CA GLN A 55 0.07 4.16 7.55
C GLN A 55 -0.12 5.67 7.39
N CYS A 56 -0.79 6.06 6.30
CA CYS A 56 -1.03 7.48 6.04
C CYS A 56 -2.30 7.95 6.73
N GLN A 57 -3.33 7.11 6.74
CA GLN A 57 -4.60 7.48 7.36
C GLN A 57 -4.37 8.03 8.76
N SER A 58 -3.35 7.50 9.44
CA SER A 58 -3.05 7.96 10.79
C SER A 58 -2.80 9.46 10.79
N THR A 59 -2.27 9.97 9.69
CA THR A 59 -2.00 11.39 9.57
C THR A 59 -3.30 12.17 9.44
N GLU A 60 -4.25 11.60 8.71
CA GLU A 60 -5.54 12.24 8.51
C GLU A 60 -6.49 11.31 7.74
N ASP A 61 -7.68 11.83 7.41
CA ASP A 61 -8.66 11.04 6.68
C ASP A 61 -8.98 9.75 7.42
N ALA A 62 -9.19 9.86 8.72
CA ALA A 62 -9.50 8.68 9.54
C ALA A 62 -10.96 8.72 9.98
N GLY A 1 19.55 13.02 4.06
CA GLY A 1 18.41 13.27 3.14
C GLY A 1 18.88 13.15 1.70
N PRO A 2 19.58 14.14 1.20
CA PRO A 2 20.10 14.13 -0.20
C PRO A 2 21.26 13.15 -0.38
N LEU A 3 22.36 13.41 0.30
CA LEU A 3 23.53 12.53 0.20
C LEU A 3 23.19 11.14 0.71
N GLY A 4 22.37 11.07 1.75
CA GLY A 4 21.98 9.79 2.32
C GLY A 4 20.56 9.41 1.90
N SER A 5 20.38 8.15 1.51
CA SER A 5 19.07 7.67 1.08
C SER A 5 18.70 6.39 1.83
N ASP A 6 17.42 6.25 2.17
CA ASP A 6 16.95 5.07 2.88
C ASP A 6 15.51 4.76 2.51
N THR A 7 15.33 3.72 1.68
CA THR A 7 14.00 3.33 1.24
C THR A 7 13.72 1.88 1.61
N LYS A 8 12.44 1.51 1.63
CA LYS A 8 12.04 0.15 1.96
C LYS A 8 10.94 -0.34 1.01
N LEU A 9 10.57 -1.61 1.11
CA LEU A 9 9.54 -2.16 0.25
C LEU A 9 8.21 -1.43 0.47
N TYR A 10 7.12 -1.87 -0.20
CA TYR A 10 5.85 -1.18 -0.05
C TYR A 10 4.95 -1.84 1.01
N CYS A 11 4.37 -2.97 0.66
CA CYS A 11 3.48 -3.71 1.56
C CYS A 11 3.96 -3.68 2.99
N ILE A 12 3.14 -3.10 3.86
CA ILE A 12 3.44 -3.02 5.29
C ILE A 12 3.77 -4.42 5.79
N CYS A 13 3.55 -5.39 4.93
CA CYS A 13 3.78 -6.79 5.24
C CYS A 13 5.26 -7.14 5.07
N LYS A 14 6.08 -6.14 4.78
CA LYS A 14 7.52 -6.34 4.60
C LYS A 14 7.83 -7.14 3.35
N THR A 15 7.28 -6.71 2.20
CA THR A 15 7.53 -7.41 0.94
C THR A 15 7.47 -6.43 -0.24
N PRO A 16 8.51 -6.35 -1.05
CA PRO A 16 8.54 -5.45 -2.24
C PRO A 16 7.37 -5.66 -3.19
N TYR A 17 7.13 -4.69 -4.06
CA TYR A 17 6.02 -4.77 -4.99
C TYR A 17 6.22 -5.93 -5.94
N ASP A 18 5.12 -6.62 -6.18
CA ASP A 18 5.12 -7.74 -7.10
C ASP A 18 3.81 -7.77 -7.88
N GLU A 19 3.90 -7.92 -9.21
CA GLU A 19 2.70 -7.95 -10.04
C GLU A 19 1.82 -9.14 -9.65
N SER A 20 2.42 -10.12 -8.99
CA SER A 20 1.68 -11.30 -8.56
C SER A 20 0.62 -10.87 -7.55
N LYS A 21 0.94 -9.82 -6.83
CA LYS A 21 0.05 -9.23 -5.84
C LYS A 21 -0.49 -7.95 -6.42
N PHE A 22 -1.61 -7.52 -5.91
CA PHE A 22 -2.19 -6.28 -6.38
C PHE A 22 -2.28 -5.30 -5.24
N TYR A 23 -1.95 -4.08 -5.54
CA TYR A 23 -1.90 -3.07 -4.51
C TYR A 23 -2.96 -2.01 -4.62
N ILE A 24 -2.96 -1.28 -3.54
CA ILE A 24 -3.81 -0.14 -3.32
C ILE A 24 -2.89 0.93 -2.74
N GLY A 25 -2.77 2.04 -3.43
CA GLY A 25 -1.82 3.06 -3.01
C GLY A 25 -2.33 4.05 -1.97
N CYS A 26 -1.57 4.12 -0.88
CA CYS A 26 -1.81 5.06 0.18
C CYS A 26 -1.99 6.44 -0.44
N ASP A 27 -3.21 6.95 -0.46
CA ASP A 27 -3.46 8.25 -1.05
C ASP A 27 -2.66 9.31 -0.32
N ARG A 28 -2.56 9.12 0.98
CA ARG A 28 -1.85 10.06 1.82
C ARG A 28 -0.46 9.53 2.19
N CYS A 29 -0.22 8.21 2.09
CA CYS A 29 1.08 7.69 2.43
C CYS A 29 1.97 7.58 1.17
N GLN A 30 1.33 7.38 0.01
CA GLN A 30 2.05 7.30 -1.26
C GLN A 30 2.78 5.95 -1.47
N ASN A 31 2.31 4.88 -0.83
CA ASN A 31 2.94 3.58 -1.01
C ASN A 31 1.88 2.51 -1.28
N TRP A 32 2.32 1.33 -1.72
CA TRP A 32 1.37 0.27 -2.06
C TRP A 32 1.58 -1.02 -1.26
N TYR A 33 0.47 -1.68 -0.96
CA TYR A 33 0.55 -2.97 -0.24
C TYR A 33 -0.34 -4.01 -0.93
N HIS A 34 0.07 -5.30 -0.90
CA HIS A 34 -0.77 -6.32 -1.47
C HIS A 34 -2.13 -6.19 -0.80
N GLY A 35 -3.17 -6.41 -1.55
CA GLY A 35 -4.51 -6.27 -1.00
C GLY A 35 -4.61 -6.88 0.39
N ARG A 36 -4.31 -8.16 0.48
CA ARG A 36 -4.36 -8.85 1.76
C ARG A 36 -3.21 -8.39 2.64
N CYS A 37 -2.20 -7.80 2.03
CA CYS A 37 -1.07 -7.34 2.80
C CYS A 37 -1.56 -6.53 3.98
N VAL A 38 -2.69 -5.86 3.77
CA VAL A 38 -3.30 -5.04 4.82
C VAL A 38 -4.68 -5.56 5.19
N GLY A 39 -4.99 -6.76 4.72
CA GLY A 39 -6.28 -7.38 5.04
C GLY A 39 -7.43 -6.67 4.33
N ILE A 40 -7.25 -6.37 3.05
CA ILE A 40 -8.28 -5.68 2.29
C ILE A 40 -8.94 -6.61 1.28
N LEU A 41 -10.05 -6.16 0.72
CA LEU A 41 -10.77 -6.94 -0.27
C LEU A 41 -9.93 -7.17 -1.50
N GLN A 42 -10.35 -8.12 -2.31
CA GLN A 42 -9.64 -8.43 -3.52
C GLN A 42 -9.99 -7.44 -4.61
N SER A 43 -11.28 -7.31 -4.87
CA SER A 43 -11.77 -6.40 -5.87
C SER A 43 -11.49 -4.97 -5.45
N GLU A 44 -11.17 -4.80 -4.17
CA GLU A 44 -10.89 -3.47 -3.63
C GLU A 44 -10.02 -2.71 -4.59
N ALA A 45 -9.17 -3.42 -5.28
CA ALA A 45 -8.28 -2.82 -6.25
C ALA A 45 -9.08 -2.35 -7.47
N GLU A 46 -10.06 -3.16 -7.89
CA GLU A 46 -10.88 -2.85 -9.06
C GLU A 46 -12.10 -1.99 -8.75
N LEU A 47 -12.41 -1.82 -7.49
CA LEU A 47 -13.59 -1.05 -7.10
C LEU A 47 -13.23 0.19 -6.35
N ILE A 48 -11.99 0.60 -6.44
CA ILE A 48 -11.61 1.78 -5.70
C ILE A 48 -10.97 2.85 -6.57
N ASP A 49 -11.00 4.07 -6.03
CA ASP A 49 -10.45 5.22 -6.71
C ASP A 49 -9.51 6.01 -5.79
N GLU A 50 -9.95 6.23 -4.55
CA GLU A 50 -9.14 6.96 -3.58
C GLU A 50 -8.84 6.10 -2.37
N TYR A 51 -8.32 4.90 -2.60
CA TYR A 51 -8.00 4.06 -1.48
C TYR A 51 -6.87 4.70 -0.72
N VAL A 52 -6.97 4.67 0.59
CA VAL A 52 -5.92 5.23 1.40
C VAL A 52 -5.32 4.12 2.25
N CYS A 53 -4.08 4.31 2.60
CA CYS A 53 -3.36 3.35 3.34
C CYS A 53 -3.68 3.45 4.79
N PRO A 54 -3.38 2.43 5.50
CA PRO A 54 -3.63 2.38 6.94
C PRO A 54 -2.56 3.13 7.72
N GLN A 55 -1.37 3.20 7.12
CA GLN A 55 -0.28 3.93 7.74
C GLN A 55 -0.55 5.42 7.58
N CYS A 56 -1.23 5.75 6.49
CA CYS A 56 -1.59 7.12 6.18
C CYS A 56 -2.62 7.65 7.17
N GLN A 57 -3.58 6.81 7.51
CA GLN A 57 -4.64 7.21 8.43
C GLN A 57 -4.05 7.83 9.70
N SER A 58 -2.87 7.36 10.09
CA SER A 58 -2.24 7.91 11.28
C SER A 58 -2.09 9.42 11.13
N THR A 59 -1.74 9.84 9.91
CA THR A 59 -1.59 11.26 9.62
C THR A 59 -2.95 11.96 9.62
N GLU A 60 -3.93 11.32 9.00
CA GLU A 60 -5.27 11.90 8.93
C GLU A 60 -6.05 11.63 10.21
N ASP A 61 -6.95 12.54 10.56
CA ASP A 61 -7.76 12.39 11.76
C ASP A 61 -9.04 11.61 11.47
N ALA A 62 -9.12 11.07 10.25
CA ALA A 62 -10.29 10.30 9.84
C ALA A 62 -9.90 8.84 9.58
N GLY A 1 19.13 5.22 -17.36
CA GLY A 1 19.16 4.78 -15.94
C GLY A 1 19.41 3.26 -15.88
N PRO A 2 20.59 2.85 -16.21
CA PRO A 2 20.98 1.40 -16.20
C PRO A 2 20.73 0.75 -14.84
N LEU A 3 20.48 1.57 -13.82
CA LEU A 3 20.23 1.07 -12.48
C LEU A 3 18.77 0.64 -12.33
N GLY A 4 18.57 -0.52 -11.72
CA GLY A 4 17.23 -1.05 -11.50
C GLY A 4 16.39 -0.10 -10.66
N SER A 5 17.05 0.63 -9.77
CA SER A 5 16.36 1.57 -8.89
C SER A 5 15.42 0.82 -7.94
N ASP A 6 15.97 -0.11 -7.19
CA ASP A 6 15.17 -0.89 -6.25
C ASP A 6 14.94 -0.12 -4.95
N THR A 7 13.69 0.13 -4.63
CA THR A 7 13.33 0.86 -3.42
C THR A 7 12.99 -0.11 -2.29
N LYS A 8 12.58 0.45 -1.16
CA LYS A 8 12.22 -0.34 0.00
C LYS A 8 10.92 -1.10 -0.23
N LEU A 9 10.49 -1.82 0.80
CA LEU A 9 9.26 -2.61 0.73
C LEU A 9 8.05 -1.69 0.76
N TYR A 10 6.98 -2.07 0.08
CA TYR A 10 5.78 -1.26 0.05
C TYR A 10 4.77 -1.85 1.04
N CYS A 11 4.34 -3.06 0.74
CA CYS A 11 3.41 -3.79 1.59
C CYS A 11 3.86 -3.72 3.03
N ILE A 12 3.01 -3.13 3.88
CA ILE A 12 3.32 -3.01 5.29
C ILE A 12 3.66 -4.39 5.83
N CYS A 13 3.46 -5.39 4.98
CA CYS A 13 3.72 -6.77 5.32
C CYS A 13 5.16 -7.14 5.03
N LYS A 14 6.06 -6.15 5.12
CA LYS A 14 7.48 -6.37 4.88
C LYS A 14 7.72 -7.28 3.68
N THR A 15 7.35 -6.81 2.50
CA THR A 15 7.54 -7.58 1.28
C THR A 15 7.61 -6.64 0.06
N PRO A 16 8.50 -6.89 -0.87
CA PRO A 16 8.66 -6.03 -2.08
C PRO A 16 7.44 -6.11 -3.00
N TYR A 17 7.24 -5.06 -3.78
CA TYR A 17 6.10 -5.03 -4.71
C TYR A 17 6.15 -6.24 -5.61
N ASP A 18 4.98 -6.72 -5.99
CA ASP A 18 4.88 -7.88 -6.85
C ASP A 18 3.76 -7.71 -7.88
N GLU A 19 4.15 -7.52 -9.13
CA GLU A 19 3.15 -7.35 -10.20
C GLU A 19 2.22 -8.56 -10.22
N SER A 20 2.63 -9.62 -9.53
CA SER A 20 1.80 -10.82 -9.43
C SER A 20 0.70 -10.52 -8.43
N LYS A 21 1.07 -9.66 -7.50
CA LYS A 21 0.18 -9.20 -6.46
C LYS A 21 -0.32 -7.83 -6.85
N PHE A 22 -1.48 -7.47 -6.35
CA PHE A 22 -2.05 -6.18 -6.67
C PHE A 22 -2.00 -5.26 -5.50
N TYR A 23 -1.94 -3.98 -5.78
CA TYR A 23 -1.85 -3.01 -4.73
C TYR A 23 -2.87 -1.91 -4.81
N ILE A 24 -2.97 -1.29 -3.66
CA ILE A 24 -3.82 -0.14 -3.44
C ILE A 24 -2.89 0.88 -2.82
N GLY A 25 -2.71 1.99 -3.49
CA GLY A 25 -1.74 2.97 -3.02
C GLY A 25 -2.26 3.98 -2.02
N CYS A 26 -1.48 4.11 -0.96
CA CYS A 26 -1.73 5.07 0.10
C CYS A 26 -2.02 6.42 -0.57
N ASP A 27 -3.27 6.84 -0.54
CA ASP A 27 -3.65 8.09 -1.17
C ASP A 27 -2.89 9.24 -0.54
N ARG A 28 -2.61 9.08 0.75
CA ARG A 28 -1.92 10.10 1.49
C ARG A 28 -0.53 9.64 1.94
N CYS A 29 -0.25 8.33 1.90
CA CYS A 29 1.06 7.88 2.34
C CYS A 29 1.92 7.33 1.19
N GLN A 30 1.48 7.61 -0.03
CA GLN A 30 2.22 7.23 -1.24
C GLN A 30 2.87 5.84 -1.20
N ASN A 31 2.18 4.81 -0.71
CA ASN A 31 2.78 3.49 -0.70
C ASN A 31 1.79 2.44 -1.21
N TRP A 32 2.29 1.24 -1.54
CA TRP A 32 1.43 0.18 -2.07
C TRP A 32 1.58 -1.12 -1.28
N TYR A 33 0.46 -1.76 -0.99
CA TYR A 33 0.48 -3.04 -0.27
C TYR A 33 -0.46 -4.04 -0.91
N HIS A 34 -0.11 -5.32 -0.92
CA HIS A 34 -1.00 -6.31 -1.44
C HIS A 34 -2.33 -6.12 -0.73
N GLY A 35 -3.43 -6.28 -1.44
CA GLY A 35 -4.72 -6.08 -0.81
C GLY A 35 -4.77 -6.68 0.57
N ARG A 36 -4.50 -7.97 0.66
CA ARG A 36 -4.51 -8.65 1.94
C ARG A 36 -3.33 -8.21 2.77
N CYS A 37 -2.32 -7.65 2.12
CA CYS A 37 -1.15 -7.21 2.85
C CYS A 37 -1.61 -6.36 4.02
N VAL A 38 -2.74 -5.69 3.82
CA VAL A 38 -3.30 -4.83 4.86
C VAL A 38 -4.69 -5.30 5.27
N GLY A 39 -5.04 -6.53 4.88
CA GLY A 39 -6.34 -7.09 5.23
C GLY A 39 -7.47 -6.42 4.48
N ILE A 40 -7.28 -6.24 3.19
CA ILE A 40 -8.29 -5.59 2.37
C ILE A 40 -8.86 -6.57 1.33
N LEU A 41 -10.01 -6.22 0.75
CA LEU A 41 -10.63 -7.07 -0.25
C LEU A 41 -9.74 -7.15 -1.49
N GLN A 42 -10.00 -8.13 -2.33
CA GLN A 42 -9.21 -8.32 -3.54
C GLN A 42 -9.67 -7.35 -4.62
N SER A 43 -10.96 -7.38 -4.89
CA SER A 43 -11.54 -6.50 -5.87
C SER A 43 -11.38 -5.07 -5.39
N GLU A 44 -11.23 -4.92 -4.07
CA GLU A 44 -11.05 -3.60 -3.49
C GLU A 44 -10.07 -2.82 -4.31
N ALA A 45 -9.33 -3.54 -5.12
CA ALA A 45 -8.34 -2.92 -5.97
C ALA A 45 -9.04 -2.14 -7.10
N GLU A 46 -10.05 -2.74 -7.73
CA GLU A 46 -10.76 -2.08 -8.83
C GLU A 46 -11.93 -1.23 -8.37
N LEU A 47 -12.82 -1.83 -7.60
CA LEU A 47 -13.99 -1.13 -7.07
C LEU A 47 -13.58 0.01 -6.20
N ILE A 48 -12.31 0.32 -6.25
CA ILE A 48 -11.78 1.35 -5.41
C ILE A 48 -11.29 2.55 -6.21
N ASP A 49 -11.62 3.74 -5.72
CA ASP A 49 -11.25 4.99 -6.38
C ASP A 49 -9.94 5.55 -5.85
N GLU A 50 -9.98 6.10 -4.63
CA GLU A 50 -8.79 6.67 -4.02
C GLU A 50 -8.57 6.02 -2.67
N TYR A 51 -8.16 4.77 -2.69
CA TYR A 51 -7.92 4.06 -1.44
C TYR A 51 -6.76 4.67 -0.72
N VAL A 52 -6.84 4.67 0.60
CA VAL A 52 -5.77 5.20 1.40
C VAL A 52 -5.12 4.08 2.17
N CYS A 53 -3.88 4.30 2.56
CA CYS A 53 -3.12 3.32 3.24
C CYS A 53 -3.38 3.40 4.70
N PRO A 54 -3.16 2.32 5.35
CA PRO A 54 -3.36 2.23 6.80
C PRO A 54 -2.34 3.08 7.55
N GLN A 55 -1.15 3.18 6.97
CA GLN A 55 -0.10 3.99 7.56
C GLN A 55 -0.48 5.46 7.44
N CYS A 56 -1.19 5.78 6.36
CA CYS A 56 -1.61 7.15 6.12
C CYS A 56 -2.84 7.51 6.95
N GLN A 57 -3.60 6.51 7.39
CA GLN A 57 -4.79 6.78 8.19
C GLN A 57 -4.42 7.67 9.36
N SER A 58 -3.21 7.50 9.87
CA SER A 58 -2.73 8.32 10.97
C SER A 58 -2.27 9.66 10.43
N THR A 59 -2.55 9.89 9.14
CA THR A 59 -2.16 11.12 8.48
C THR A 59 -0.66 11.34 8.56
N GLU A 60 0.06 10.91 7.53
CA GLU A 60 1.51 11.10 7.51
C GLU A 60 1.88 12.57 7.64
N ASP A 61 0.99 13.44 7.16
CA ASP A 61 1.24 14.87 7.23
C ASP A 61 1.47 15.32 8.67
N ALA A 62 0.81 14.64 9.61
CA ALA A 62 0.96 14.98 11.02
C ALA A 62 0.16 14.01 11.89
N GLY A 1 17.71 -12.81 8.74
CA GLY A 1 16.59 -11.82 8.82
C GLY A 1 17.14 -10.48 9.31
N PRO A 2 17.80 -10.48 10.44
CA PRO A 2 18.38 -9.23 11.04
C PRO A 2 19.29 -8.50 10.05
N LEU A 3 19.89 -9.26 9.13
CA LEU A 3 20.78 -8.67 8.14
C LEU A 3 20.03 -7.67 7.27
N GLY A 4 18.75 -7.97 7.00
CA GLY A 4 17.92 -7.08 6.19
C GLY A 4 16.67 -6.68 6.96
N SER A 5 16.85 -6.24 8.19
CA SER A 5 15.73 -5.83 9.03
C SER A 5 14.92 -4.73 8.35
N ASP A 6 15.61 -3.83 7.64
CA ASP A 6 14.93 -2.74 6.95
C ASP A 6 15.41 -2.62 5.51
N THR A 7 14.53 -2.96 4.58
CA THR A 7 14.84 -2.89 3.15
C THR A 7 13.74 -2.16 2.40
N LYS A 8 13.96 -1.92 1.11
CA LYS A 8 12.97 -1.22 0.30
C LYS A 8 11.76 -2.12 0.04
N LEU A 9 10.68 -1.86 0.76
CA LEU A 9 9.46 -2.64 0.59
C LEU A 9 8.23 -1.75 0.70
N TYR A 10 7.14 -2.13 0.06
CA TYR A 10 5.92 -1.34 0.11
C TYR A 10 4.95 -1.95 1.12
N CYS A 11 4.40 -3.09 0.75
CA CYS A 11 3.49 -3.83 1.60
C CYS A 11 3.95 -3.82 3.05
N ILE A 12 3.15 -3.20 3.90
CA ILE A 12 3.46 -3.11 5.32
C ILE A 12 3.71 -4.51 5.87
N CYS A 13 3.41 -5.49 5.02
CA CYS A 13 3.56 -6.90 5.37
C CYS A 13 5.02 -7.33 5.24
N LYS A 14 5.91 -6.36 5.01
CA LYS A 14 7.34 -6.63 4.87
C LYS A 14 7.64 -7.49 3.63
N THR A 15 7.17 -7.04 2.48
CA THR A 15 7.41 -7.77 1.23
C THR A 15 7.49 -6.78 0.05
N PRO A 16 8.36 -7.02 -0.90
CA PRO A 16 8.54 -6.11 -2.08
C PRO A 16 7.34 -6.13 -3.03
N TYR A 17 7.16 -5.05 -3.77
CA TYR A 17 6.06 -4.96 -4.72
C TYR A 17 6.20 -6.02 -5.80
N ASP A 18 5.07 -6.59 -6.17
CA ASP A 18 5.07 -7.61 -7.22
C ASP A 18 3.86 -7.44 -8.12
N GLU A 19 4.12 -7.34 -9.40
CA GLU A 19 3.04 -7.18 -10.36
C GLU A 19 2.11 -8.39 -10.33
N SER A 20 2.58 -9.46 -9.68
CA SER A 20 1.77 -10.66 -9.56
C SER A 20 0.72 -10.38 -8.50
N LYS A 21 1.12 -9.53 -7.58
CA LYS A 21 0.27 -9.09 -6.50
C LYS A 21 -0.28 -7.73 -6.85
N PHE A 22 -1.43 -7.41 -6.30
CA PHE A 22 -2.05 -6.15 -6.60
C PHE A 22 -2.02 -5.24 -5.39
N TYR A 23 -2.00 -3.96 -5.67
CA TYR A 23 -1.90 -2.99 -4.59
C TYR A 23 -2.94 -1.91 -4.64
N ILE A 24 -2.99 -1.26 -3.51
CA ILE A 24 -3.82 -0.11 -3.27
C ILE A 24 -2.86 0.96 -2.79
N GLY A 25 -2.84 2.09 -3.47
CA GLY A 25 -1.85 3.10 -3.13
C GLY A 25 -2.30 4.15 -2.12
N CYS A 26 -1.52 4.24 -1.04
CA CYS A 26 -1.72 5.25 -0.02
C CYS A 26 -1.86 6.59 -0.73
N ASP A 27 -3.06 7.16 -0.75
CA ASP A 27 -3.26 8.42 -1.43
C ASP A 27 -2.51 9.49 -0.69
N ARG A 28 -2.28 9.20 0.59
CA ARG A 28 -1.59 10.11 1.45
C ARG A 28 -0.23 9.55 1.88
N CYS A 29 -0.04 8.22 1.83
CA CYS A 29 1.23 7.66 2.25
C CYS A 29 2.06 7.18 1.05
N GLN A 30 1.64 7.57 -0.15
CA GLN A 30 2.36 7.21 -1.37
C GLN A 30 2.99 5.82 -1.30
N ASN A 31 2.24 4.83 -0.83
CA ASN A 31 2.78 3.47 -0.73
C ASN A 31 1.79 2.47 -1.31
N TRP A 32 2.25 1.23 -1.54
CA TRP A 32 1.37 0.20 -2.10
C TRP A 32 1.54 -1.13 -1.38
N TYR A 33 0.43 -1.74 -0.97
CA TYR A 33 0.49 -3.03 -0.28
C TYR A 33 -0.46 -4.04 -0.91
N HIS A 34 -0.08 -5.32 -0.93
CA HIS A 34 -0.98 -6.31 -1.45
C HIS A 34 -2.28 -6.16 -0.67
N GLY A 35 -3.41 -6.31 -1.33
CA GLY A 35 -4.68 -6.15 -0.65
C GLY A 35 -4.67 -6.81 0.72
N ARG A 36 -4.44 -8.12 0.73
CA ARG A 36 -4.39 -8.85 1.98
C ARG A 36 -3.20 -8.40 2.81
N CYS A 37 -2.22 -7.80 2.15
CA CYS A 37 -1.05 -7.33 2.86
C CYS A 37 -1.49 -6.50 4.05
N VAL A 38 -2.63 -5.83 3.87
CA VAL A 38 -3.17 -4.98 4.93
C VAL A 38 -4.57 -5.45 5.34
N GLY A 39 -4.91 -6.67 4.92
CA GLY A 39 -6.21 -7.25 5.27
C GLY A 39 -7.36 -6.54 4.57
N ILE A 40 -7.18 -6.29 3.29
CA ILE A 40 -8.20 -5.60 2.52
C ILE A 40 -8.90 -6.57 1.57
N LEU A 41 -10.04 -6.14 1.04
CA LEU A 41 -10.79 -6.98 0.12
C LEU A 41 -9.93 -7.29 -1.10
N GLN A 42 -10.36 -8.28 -1.84
CA GLN A 42 -9.63 -8.74 -3.02
C GLN A 42 -9.86 -7.81 -4.20
N SER A 43 -11.13 -7.62 -4.53
CA SER A 43 -11.50 -6.75 -5.63
C SER A 43 -11.22 -5.30 -5.28
N GLU A 44 -11.03 -5.04 -3.98
CA GLU A 44 -10.78 -3.70 -3.49
C GLU A 44 -9.75 -2.98 -4.34
N ALA A 45 -8.96 -3.72 -5.07
CA ALA A 45 -7.96 -3.10 -5.89
C ALA A 45 -8.58 -2.23 -6.98
N GLU A 46 -9.58 -2.77 -7.69
CA GLU A 46 -10.21 -2.04 -8.80
C GLU A 46 -11.43 -1.18 -8.39
N LEU A 47 -12.31 -1.74 -7.60
CA LEU A 47 -13.54 -1.04 -7.20
C LEU A 47 -13.32 0.31 -6.57
N ILE A 48 -12.23 0.49 -5.85
CA ILE A 48 -11.99 1.78 -5.22
C ILE A 48 -11.28 2.70 -6.20
N ASP A 49 -11.17 3.95 -5.81
CA ASP A 49 -10.54 4.94 -6.64
C ASP A 49 -10.17 6.16 -5.81
N GLU A 50 -10.29 5.98 -4.50
CA GLU A 50 -9.96 7.00 -3.53
C GLU A 50 -9.40 6.28 -2.32
N TYR A 51 -8.78 5.14 -2.60
CA TYR A 51 -8.19 4.32 -1.57
C TYR A 51 -7.05 5.02 -0.90
N VAL A 52 -6.91 4.72 0.37
CA VAL A 52 -5.83 5.28 1.16
C VAL A 52 -5.19 4.16 1.94
N CYS A 53 -3.95 4.37 2.32
CA CYS A 53 -3.23 3.39 3.04
C CYS A 53 -3.63 3.39 4.47
N PRO A 54 -3.43 2.31 5.11
CA PRO A 54 -3.78 2.17 6.53
C PRO A 54 -2.82 2.99 7.39
N GLN A 55 -1.61 3.15 6.88
CA GLN A 55 -0.60 3.94 7.57
C GLN A 55 -1.01 5.41 7.48
N CYS A 56 -1.59 5.77 6.33
CA CYS A 56 -2.03 7.13 6.09
C CYS A 56 -3.44 7.33 6.63
N GLN A 57 -4.15 6.23 6.91
CA GLN A 57 -5.51 6.34 7.41
C GLN A 57 -5.58 7.33 8.57
N SER A 58 -4.52 7.39 9.35
CA SER A 58 -4.47 8.34 10.46
C SER A 58 -4.61 9.74 9.90
N THR A 59 -4.56 9.84 8.58
CA THR A 59 -4.68 11.11 7.88
C THR A 59 -3.68 12.12 8.43
N GLU A 60 -2.43 11.96 7.99
CA GLU A 60 -1.37 12.87 8.42
C GLU A 60 -1.61 14.28 7.88
N ASP A 61 -1.30 15.28 8.70
CA ASP A 61 -1.50 16.67 8.29
C ASP A 61 -2.80 16.84 7.51
N ALA A 62 -2.94 17.96 6.83
CA ALA A 62 -4.14 18.23 6.04
C ALA A 62 -4.03 17.59 4.66
N GLY A 1 4.63 0.91 -11.49
CA GLY A 1 5.59 1.09 -10.36
C GLY A 1 6.66 2.12 -10.75
N PRO A 2 6.30 3.37 -10.76
CA PRO A 2 7.23 4.48 -11.11
C PRO A 2 8.51 4.45 -10.27
N LEU A 3 8.42 3.82 -9.09
CA LEU A 3 9.58 3.73 -8.21
C LEU A 3 10.35 2.44 -8.46
N GLY A 4 11.67 2.53 -8.41
CA GLY A 4 12.52 1.37 -8.63
C GLY A 4 12.71 0.57 -7.35
N SER A 5 13.57 -0.44 -7.40
CA SER A 5 13.84 -1.27 -6.24
C SER A 5 14.75 -0.54 -5.26
N ASP A 6 15.17 0.65 -5.65
CA ASP A 6 16.06 1.44 -4.80
C ASP A 6 15.40 1.71 -3.45
N THR A 7 14.08 1.90 -3.46
CA THR A 7 13.35 2.16 -2.24
C THR A 7 13.06 0.86 -1.49
N LYS A 8 12.58 0.99 -0.26
CA LYS A 8 12.27 -0.17 0.57
C LYS A 8 10.97 -0.83 0.09
N LEU A 9 10.57 -1.88 0.81
CA LEU A 9 9.36 -2.61 0.47
C LEU A 9 8.13 -1.72 0.66
N TYR A 10 7.03 -2.06 -0.02
CA TYR A 10 5.82 -1.26 0.08
C TYR A 10 4.87 -1.90 1.08
N CYS A 11 4.34 -3.05 0.72
CA CYS A 11 3.43 -3.81 1.58
C CYS A 11 3.90 -3.76 3.03
N ILE A 12 3.09 -3.14 3.87
CA ILE A 12 3.41 -3.03 5.29
C ILE A 12 3.71 -4.42 5.84
N CYS A 13 3.43 -5.42 5.01
CA CYS A 13 3.65 -6.81 5.37
C CYS A 13 5.13 -7.17 5.22
N LYS A 14 5.95 -6.18 4.91
CA LYS A 14 7.38 -6.37 4.75
C LYS A 14 7.72 -7.27 3.56
N THR A 15 7.24 -6.88 2.37
CA THR A 15 7.52 -7.66 1.17
C THR A 15 7.61 -6.71 -0.05
N PRO A 16 8.50 -6.95 -0.98
CA PRO A 16 8.67 -6.08 -2.18
C PRO A 16 7.44 -6.10 -3.09
N TYR A 17 7.24 -5.02 -3.84
CA TYR A 17 6.10 -4.96 -4.74
C TYR A 17 6.16 -6.11 -5.72
N ASP A 18 5.01 -6.60 -6.09
CA ASP A 18 4.93 -7.71 -7.03
C ASP A 18 3.78 -7.53 -8.02
N GLU A 19 4.12 -7.42 -9.30
CA GLU A 19 3.11 -7.26 -10.33
C GLU A 19 2.17 -8.46 -10.33
N SER A 20 2.60 -9.53 -9.69
CA SER A 20 1.78 -10.72 -9.58
C SER A 20 0.72 -10.46 -8.53
N LYS A 21 1.10 -9.59 -7.61
CA LYS A 21 0.24 -9.16 -6.52
C LYS A 21 -0.30 -7.80 -6.87
N PHE A 22 -1.45 -7.47 -6.31
CA PHE A 22 -2.05 -6.18 -6.60
C PHE A 22 -2.01 -5.30 -5.38
N TYR A 23 -1.98 -4.01 -5.63
CA TYR A 23 -1.88 -3.05 -4.55
C TYR A 23 -2.90 -1.96 -4.60
N ILE A 24 -2.93 -1.28 -3.48
CA ILE A 24 -3.76 -0.12 -3.26
C ILE A 24 -2.81 0.97 -2.80
N GLY A 25 -2.84 2.11 -3.45
CA GLY A 25 -1.87 3.15 -3.12
C GLY A 25 -2.35 4.18 -2.09
N CYS A 26 -1.58 4.26 -1.02
CA CYS A 26 -1.80 5.22 0.04
C CYS A 26 -2.00 6.60 -0.58
N ASP A 27 -3.19 7.17 -0.43
CA ASP A 27 -3.47 8.47 -1.01
C ASP A 27 -2.49 9.48 -0.45
N ARG A 28 -2.11 9.30 0.81
CA ARG A 28 -1.18 10.21 1.45
C ARG A 28 0.15 9.51 1.77
N CYS A 29 0.15 8.18 1.88
CA CYS A 29 1.36 7.48 2.21
C CYS A 29 2.10 7.05 0.93
N GLN A 30 1.58 7.46 -0.21
CA GLN A 30 2.17 7.11 -1.51
C GLN A 30 2.87 5.76 -1.46
N ASN A 31 2.18 4.75 -0.93
CA ASN A 31 2.74 3.41 -0.83
C ASN A 31 1.74 2.40 -1.36
N TRP A 32 2.19 1.17 -1.61
CA TRP A 32 1.31 0.13 -2.14
C TRP A 32 1.48 -1.19 -1.39
N TYR A 33 0.38 -1.80 -1.00
CA TYR A 33 0.44 -3.08 -0.27
C TYR A 33 -0.49 -4.12 -0.90
N HIS A 34 -0.08 -5.39 -0.90
CA HIS A 34 -0.96 -6.42 -1.40
C HIS A 34 -2.25 -6.30 -0.60
N GLY A 35 -3.37 -6.46 -1.26
CA GLY A 35 -4.63 -6.32 -0.56
C GLY A 35 -4.61 -6.98 0.80
N ARG A 36 -4.34 -8.28 0.82
CA ARG A 36 -4.31 -9.00 2.09
C ARG A 36 -3.13 -8.52 2.92
N CYS A 37 -2.17 -7.92 2.26
CA CYS A 37 -1.01 -7.43 2.95
C CYS A 37 -1.46 -6.55 4.11
N VAL A 38 -2.61 -5.90 3.94
CA VAL A 38 -3.15 -5.02 4.97
C VAL A 38 -4.52 -5.49 5.48
N GLY A 39 -4.99 -6.63 4.95
CA GLY A 39 -6.27 -7.16 5.40
C GLY A 39 -7.43 -6.49 4.69
N ILE A 40 -7.32 -6.34 3.38
CA ILE A 40 -8.37 -5.68 2.61
C ILE A 40 -8.99 -6.62 1.56
N LEU A 41 -10.19 -6.26 1.11
CA LEU A 41 -10.91 -7.05 0.10
C LEU A 41 -9.99 -7.42 -1.05
N GLN A 42 -10.48 -8.30 -1.90
CA GLN A 42 -9.71 -8.77 -3.04
C GLN A 42 -9.79 -7.80 -4.22
N SER A 43 -11.03 -7.51 -4.64
CA SER A 43 -11.25 -6.63 -5.77
C SER A 43 -11.12 -5.16 -5.37
N GLU A 44 -11.15 -4.90 -4.07
CA GLU A 44 -11.03 -3.53 -3.58
C GLU A 44 -9.95 -2.80 -4.32
N ALA A 45 -9.04 -3.55 -4.91
CA ALA A 45 -7.95 -2.95 -5.63
C ALA A 45 -8.45 -2.07 -6.78
N GLU A 46 -9.32 -2.62 -7.63
CA GLU A 46 -9.83 -1.88 -8.79
C GLU A 46 -11.11 -1.07 -8.52
N LEU A 47 -12.07 -1.68 -7.83
CA LEU A 47 -13.37 -1.04 -7.57
C LEU A 47 -13.25 0.32 -6.90
N ILE A 48 -12.20 0.54 -6.12
CA ILE A 48 -12.05 1.83 -5.45
C ILE A 48 -11.38 2.82 -6.37
N ASP A 49 -11.35 4.04 -5.91
CA ASP A 49 -10.76 5.13 -6.67
C ASP A 49 -10.31 6.24 -5.74
N GLU A 50 -10.53 6.02 -4.45
CA GLU A 50 -10.15 6.96 -3.42
C GLU A 50 -9.56 6.16 -2.28
N TYR A 51 -8.88 5.07 -2.65
CA TYR A 51 -8.27 4.23 -1.66
C TYR A 51 -7.16 4.97 -0.97
N VAL A 52 -7.03 4.65 0.29
CA VAL A 52 -5.99 5.24 1.10
C VAL A 52 -5.31 4.14 1.89
N CYS A 53 -4.08 4.40 2.28
CA CYS A 53 -3.33 3.44 3.01
C CYS A 53 -3.70 3.49 4.44
N PRO A 54 -3.52 2.42 5.10
CA PRO A 54 -3.85 2.31 6.52
C PRO A 54 -2.82 3.04 7.37
N GLN A 55 -1.60 3.11 6.85
CA GLN A 55 -0.54 3.82 7.52
C GLN A 55 -0.85 5.32 7.45
N CYS A 56 -1.46 5.71 6.35
CA CYS A 56 -1.84 7.09 6.13
C CYS A 56 -2.98 7.48 7.07
N GLN A 57 -3.86 6.52 7.35
CA GLN A 57 -5.00 6.78 8.23
C GLN A 57 -4.54 7.33 9.57
N SER A 58 -3.38 6.86 10.04
CA SER A 58 -2.86 7.32 11.30
C SER A 58 -2.78 8.84 11.30
N THR A 59 -2.38 9.39 10.16
CA THR A 59 -2.27 10.84 10.03
C THR A 59 -3.66 11.47 9.99
N GLU A 60 -4.55 10.89 9.17
CA GLU A 60 -5.91 11.40 9.05
C GLU A 60 -6.66 11.27 10.38
N ASP A 61 -6.33 10.22 11.12
CA ASP A 61 -6.99 9.98 12.41
C ASP A 61 -6.32 10.80 13.51
N ALA A 62 -7.10 11.69 14.14
CA ALA A 62 -6.57 12.52 15.21
C ALA A 62 -5.30 13.24 14.76
N GLY A 1 15.41 1.58 13.26
CA GLY A 1 14.98 2.16 14.57
C GLY A 1 14.43 3.57 14.34
N PRO A 2 14.26 4.32 15.39
CA PRO A 2 13.73 5.71 15.32
C PRO A 2 14.53 6.58 14.35
N LEU A 3 15.79 6.25 14.18
CA LEU A 3 16.66 7.00 13.27
C LEU A 3 16.79 6.27 11.94
N GLY A 4 16.81 7.03 10.84
CA GLY A 4 16.93 6.44 9.51
C GLY A 4 15.60 5.85 9.06
N SER A 5 14.52 6.50 9.47
CA SER A 5 13.18 6.04 9.10
C SER A 5 13.04 5.92 7.59
N ASP A 6 13.71 6.82 6.87
CA ASP A 6 13.67 6.83 5.40
C ASP A 6 12.42 6.11 4.87
N THR A 7 12.59 5.32 3.82
CA THR A 7 11.48 4.59 3.22
C THR A 7 11.78 3.10 3.18
N LYS A 8 10.73 2.30 2.99
CA LYS A 8 10.88 0.86 2.91
C LYS A 8 10.07 0.29 1.76
N LEU A 9 10.02 -1.03 1.65
CA LEU A 9 9.29 -1.68 0.57
C LEU A 9 7.82 -1.28 0.58
N TYR A 10 7.04 -1.91 -0.28
CA TYR A 10 5.63 -1.61 -0.42
C TYR A 10 4.83 -2.16 0.77
N CYS A 11 4.15 -3.27 0.53
CA CYS A 11 3.32 -3.92 1.54
C CYS A 11 3.94 -3.89 2.94
N ILE A 12 3.17 -3.29 3.85
CA ILE A 12 3.57 -3.19 5.24
C ILE A 12 3.77 -4.59 5.80
N CYS A 13 3.38 -5.55 5.00
CA CYS A 13 3.48 -6.96 5.38
C CYS A 13 4.91 -7.45 5.22
N LYS A 14 5.82 -6.53 4.96
CA LYS A 14 7.22 -6.89 4.78
C LYS A 14 7.38 -7.79 3.55
N THR A 15 7.22 -7.20 2.37
CA THR A 15 7.35 -7.96 1.12
C THR A 15 7.47 -7.00 -0.08
N PRO A 16 8.51 -7.13 -0.88
CA PRO A 16 8.70 -6.27 -2.09
C PRO A 16 7.50 -6.33 -3.04
N TYR A 17 7.31 -5.28 -3.83
CA TYR A 17 6.19 -5.24 -4.77
C TYR A 17 6.26 -6.43 -5.70
N ASP A 18 5.09 -6.91 -6.08
CA ASP A 18 5.01 -8.05 -6.97
C ASP A 18 3.87 -7.85 -7.97
N GLU A 19 4.22 -7.73 -9.25
CA GLU A 19 3.21 -7.55 -10.27
C GLU A 19 2.25 -8.74 -10.23
N SER A 20 2.64 -9.75 -9.48
CA SER A 20 1.81 -10.94 -9.31
C SER A 20 0.76 -10.60 -8.28
N LYS A 21 1.12 -9.63 -7.45
CA LYS A 21 0.25 -9.14 -6.41
C LYS A 21 -0.22 -7.77 -6.81
N PHE A 22 -1.38 -7.38 -6.32
CA PHE A 22 -1.91 -6.08 -6.68
C PHE A 22 -1.87 -5.14 -5.51
N TYR A 23 -1.81 -3.86 -5.82
CA TYR A 23 -1.71 -2.86 -4.80
C TYR A 23 -2.75 -1.77 -4.87
N ILE A 24 -2.80 -1.10 -3.75
CA ILE A 24 -3.66 0.04 -3.52
C ILE A 24 -2.76 1.08 -2.89
N GLY A 25 -2.59 2.21 -3.55
CA GLY A 25 -1.67 3.20 -3.05
C GLY A 25 -2.24 4.13 -1.99
N CYS A 26 -1.44 4.28 -0.94
CA CYS A 26 -1.75 5.18 0.15
C CYS A 26 -2.16 6.52 -0.45
N ASP A 27 -3.45 6.83 -0.37
CA ASP A 27 -3.91 8.08 -0.96
C ASP A 27 -3.07 9.23 -0.46
N ARG A 28 -2.73 9.24 0.83
CA ARG A 28 -1.92 10.31 1.38
C ARG A 28 -0.55 9.81 1.87
N CYS A 29 -0.27 8.49 1.86
CA CYS A 29 1.04 8.05 2.32
C CYS A 29 1.91 7.57 1.16
N GLN A 30 1.48 7.89 -0.06
CA GLN A 30 2.24 7.51 -1.27
C GLN A 30 2.94 6.17 -1.06
N ASN A 31 2.19 5.16 -0.65
CA ASN A 31 2.77 3.86 -0.40
C ASN A 31 1.92 2.77 -1.05
N TRP A 32 2.46 1.57 -1.15
CA TRP A 32 1.73 0.49 -1.82
C TRP A 32 1.85 -0.85 -1.12
N TYR A 33 0.71 -1.53 -0.94
CA TYR A 33 0.68 -2.84 -0.28
C TYR A 33 -0.30 -3.79 -0.97
N HIS A 34 -0.06 -5.11 -0.89
CA HIS A 34 -1.02 -6.03 -1.45
C HIS A 34 -2.34 -5.78 -0.73
N GLY A 35 -3.43 -5.86 -1.45
CA GLY A 35 -4.72 -5.60 -0.84
C GLY A 35 -4.84 -6.24 0.53
N ARG A 36 -4.71 -7.55 0.58
CA ARG A 36 -4.80 -8.25 1.85
C ARG A 36 -3.62 -7.89 2.73
N CYS A 37 -2.56 -7.38 2.12
CA CYS A 37 -1.39 -7.00 2.88
C CYS A 37 -1.82 -6.09 4.03
N VAL A 38 -2.88 -5.33 3.79
CA VAL A 38 -3.41 -4.40 4.79
C VAL A 38 -4.81 -4.81 5.22
N GLY A 39 -5.19 -6.03 4.86
CA GLY A 39 -6.50 -6.57 5.23
C GLY A 39 -7.62 -5.95 4.41
N ILE A 40 -7.42 -5.88 3.10
CA ILE A 40 -8.42 -5.29 2.23
C ILE A 40 -9.01 -6.37 1.30
N LEU A 41 -10.11 -6.02 0.65
CA LEU A 41 -10.75 -6.95 -0.28
C LEU A 41 -9.87 -7.20 -1.48
N GLN A 42 -10.19 -8.24 -2.20
CA GLN A 42 -9.43 -8.61 -3.38
C GLN A 42 -9.82 -7.75 -4.57
N SER A 43 -11.11 -7.75 -4.87
CA SER A 43 -11.62 -6.99 -5.98
C SER A 43 -11.45 -5.49 -5.72
N GLU A 44 -11.23 -5.15 -4.45
CA GLU A 44 -11.07 -3.74 -4.10
C GLU A 44 -10.13 -3.05 -5.06
N ALA A 45 -9.10 -3.75 -5.47
CA ALA A 45 -8.16 -3.17 -6.39
C ALA A 45 -8.88 -2.57 -7.62
N GLU A 46 -9.95 -3.23 -8.06
CA GLU A 46 -10.70 -2.76 -9.23
C GLU A 46 -11.79 -1.77 -8.89
N LEU A 47 -12.53 -2.08 -7.85
CA LEU A 47 -13.65 -1.26 -7.42
C LEU A 47 -13.22 -0.17 -6.49
N ILE A 48 -11.95 0.12 -6.49
CA ILE A 48 -11.46 1.11 -5.59
C ILE A 48 -10.79 2.27 -6.30
N ASP A 49 -10.88 3.44 -5.67
CA ASP A 49 -10.31 4.65 -6.24
C ASP A 49 -10.35 5.78 -5.21
N GLU A 50 -10.27 5.41 -3.93
CA GLU A 50 -10.29 6.37 -2.85
C GLU A 50 -9.74 5.72 -1.60
N TYR A 51 -9.19 4.52 -1.79
CA TYR A 51 -8.60 3.80 -0.67
C TYR A 51 -7.37 4.53 -0.19
N VAL A 52 -7.14 4.44 1.10
CA VAL A 52 -5.98 5.06 1.68
C VAL A 52 -5.19 4.04 2.46
N CYS A 53 -3.92 4.31 2.66
CA CYS A 53 -3.08 3.42 3.35
C CYS A 53 -3.28 3.56 4.82
N PRO A 54 -2.95 2.55 5.52
CA PRO A 54 -3.10 2.53 6.98
C PRO A 54 -1.95 3.27 7.64
N GLN A 55 -0.83 3.35 6.92
CA GLN A 55 0.34 4.06 7.42
C GLN A 55 0.05 5.55 7.34
N CYS A 56 -0.69 5.93 6.30
CA CYS A 56 -1.06 7.32 6.09
C CYS A 56 -2.13 7.75 7.08
N GLN A 57 -3.00 6.81 7.43
CA GLN A 57 -4.10 7.10 8.35
C GLN A 57 -3.58 7.80 9.61
N SER A 58 -2.43 7.34 10.10
CA SER A 58 -1.84 7.95 11.29
C SER A 58 -1.43 9.38 10.99
N THR A 59 -1.03 9.62 9.74
CA THR A 59 -0.59 10.95 9.28
C THR A 59 0.52 10.79 8.25
N GLU A 60 0.14 10.69 6.97
CA GLU A 60 1.12 10.54 5.90
C GLU A 60 2.24 9.59 6.33
N ASP A 61 3.43 10.15 6.55
CA ASP A 61 4.57 9.34 6.96
C ASP A 61 4.50 9.04 8.46
N ALA A 62 4.38 7.77 8.80
CA ALA A 62 4.31 7.35 10.20
C ALA A 62 3.13 8.02 10.88
N GLY A 1 27.96 -1.91 -5.93
CA GLY A 1 28.12 -0.60 -6.61
C GLY A 1 26.93 0.30 -6.30
N PRO A 2 25.76 -0.09 -6.71
CA PRO A 2 24.51 0.69 -6.48
C PRO A 2 24.00 0.53 -5.05
N LEU A 3 24.80 -0.11 -4.20
CA LEU A 3 24.42 -0.34 -2.81
C LEU A 3 22.98 -0.82 -2.73
N GLY A 4 22.04 0.11 -2.67
CA GLY A 4 20.63 -0.25 -2.60
C GLY A 4 19.74 0.99 -2.69
N SER A 5 18.44 0.78 -2.67
CA SER A 5 17.49 1.88 -2.75
C SER A 5 17.40 2.62 -1.42
N ASP A 6 16.91 3.85 -1.46
CA ASP A 6 16.77 4.65 -0.25
C ASP A 6 15.40 4.44 0.39
N THR A 7 14.64 3.48 -0.14
CA THR A 7 13.32 3.17 0.39
C THR A 7 13.21 1.71 0.78
N LYS A 8 12.12 1.38 1.46
CA LYS A 8 11.87 0.03 1.91
C LYS A 8 10.72 -0.59 1.11
N LEU A 9 10.33 -1.81 1.48
CA LEU A 9 9.24 -2.49 0.77
C LEU A 9 7.96 -1.68 0.88
N TYR A 10 6.95 -2.01 0.08
CA TYR A 10 5.70 -1.27 0.11
C TYR A 10 4.75 -1.92 1.11
N CYS A 11 4.25 -3.08 0.73
CA CYS A 11 3.36 -3.85 1.58
C CYS A 11 3.84 -3.82 3.02
N ILE A 12 3.05 -3.19 3.88
CA ILE A 12 3.38 -3.09 5.28
C ILE A 12 3.64 -4.49 5.85
N CYS A 13 3.36 -5.48 5.00
CA CYS A 13 3.54 -6.87 5.37
C CYS A 13 5.01 -7.30 5.22
N LYS A 14 5.87 -6.32 4.93
CA LYS A 14 7.30 -6.58 4.79
C LYS A 14 7.59 -7.45 3.55
N THR A 15 7.16 -6.98 2.38
CA THR A 15 7.41 -7.73 1.15
C THR A 15 7.50 -6.77 -0.04
N PRO A 16 8.47 -6.94 -0.93
CA PRO A 16 8.63 -6.05 -2.13
C PRO A 16 7.41 -6.09 -3.04
N TYR A 17 7.23 -5.02 -3.83
CA TYR A 17 6.10 -4.97 -4.74
C TYR A 17 6.16 -6.13 -5.71
N ASP A 18 4.99 -6.62 -6.08
CA ASP A 18 4.90 -7.74 -7.00
C ASP A 18 3.76 -7.57 -7.99
N GLU A 19 4.08 -7.39 -9.27
CA GLU A 19 3.07 -7.22 -10.29
C GLU A 19 2.09 -8.39 -10.26
N SER A 20 2.55 -9.50 -9.68
CA SER A 20 1.70 -10.68 -9.56
C SER A 20 0.65 -10.39 -8.51
N LYS A 21 1.07 -9.56 -7.57
CA LYS A 21 0.23 -9.11 -6.49
C LYS A 21 -0.28 -7.74 -6.84
N PHE A 22 -1.45 -7.40 -6.35
CA PHE A 22 -2.03 -6.12 -6.65
C PHE A 22 -2.00 -5.23 -5.44
N TYR A 23 -1.90 -3.94 -5.71
CA TYR A 23 -1.83 -2.98 -4.63
C TYR A 23 -2.84 -1.87 -4.73
N ILE A 24 -2.92 -1.22 -3.61
CA ILE A 24 -3.76 -0.05 -3.43
C ILE A 24 -2.85 1.03 -2.88
N GLY A 25 -2.80 2.16 -3.54
CA GLY A 25 -1.87 3.20 -3.13
C GLY A 25 -2.39 4.16 -2.08
N CYS A 26 -1.59 4.28 -1.01
CA CYS A 26 -1.84 5.21 0.07
C CYS A 26 -2.15 6.57 -0.56
N ASP A 27 -3.32 7.12 -0.28
CA ASP A 27 -3.68 8.41 -0.87
C ASP A 27 -2.71 9.46 -0.39
N ARG A 28 -2.28 9.30 0.85
CA ARG A 28 -1.36 10.24 1.46
C ARG A 28 0.00 9.58 1.72
N CYS A 29 0.03 8.27 1.92
CA CYS A 29 1.28 7.60 2.23
C CYS A 29 2.00 7.13 0.96
N GLN A 30 1.47 7.55 -0.19
CA GLN A 30 2.05 7.18 -1.49
C GLN A 30 2.76 5.82 -1.44
N ASN A 31 2.07 4.81 -0.91
CA ASN A 31 2.64 3.48 -0.82
C ASN A 31 1.65 2.44 -1.34
N TRP A 32 2.12 1.23 -1.61
CA TRP A 32 1.24 0.18 -2.14
C TRP A 32 1.41 -1.13 -1.38
N TYR A 33 0.30 -1.75 -1.01
CA TYR A 33 0.36 -3.03 -0.28
C TYR A 33 -0.58 -4.06 -0.91
N HIS A 34 -0.19 -5.34 -0.90
CA HIS A 34 -1.07 -6.36 -1.41
C HIS A 34 -2.38 -6.20 -0.66
N GLY A 35 -3.49 -6.35 -1.36
CA GLY A 35 -4.76 -6.18 -0.69
C GLY A 35 -4.78 -6.83 0.69
N ARG A 36 -4.48 -8.11 0.74
CA ARG A 36 -4.46 -8.81 2.01
C ARG A 36 -3.27 -8.37 2.83
N CYS A 37 -2.28 -7.78 2.16
CA CYS A 37 -1.11 -7.33 2.88
C CYS A 37 -1.55 -6.49 4.07
N VAL A 38 -2.68 -5.82 3.89
CA VAL A 38 -3.24 -4.96 4.94
C VAL A 38 -4.61 -5.46 5.37
N GLY A 39 -4.95 -6.69 4.96
CA GLY A 39 -6.22 -7.28 5.33
C GLY A 39 -7.38 -6.59 4.62
N ILE A 40 -7.23 -6.37 3.33
CA ILE A 40 -8.26 -5.69 2.55
C ILE A 40 -8.87 -6.62 1.50
N LEU A 41 -9.98 -6.16 0.92
CA LEU A 41 -10.67 -6.93 -0.11
C LEU A 41 -9.76 -7.11 -1.32
N GLN A 42 -10.12 -8.06 -2.17
CA GLN A 42 -9.35 -8.32 -3.38
C GLN A 42 -9.76 -7.33 -4.43
N SER A 43 -11.06 -7.19 -4.54
CA SER A 43 -11.64 -6.27 -5.48
C SER A 43 -11.25 -4.86 -5.09
N GLU A 44 -11.03 -4.64 -3.79
CA GLU A 44 -10.61 -3.34 -3.29
C GLU A 44 -9.57 -2.76 -4.23
N ALA A 45 -9.00 -3.62 -5.05
CA ALA A 45 -8.01 -3.21 -6.02
C ALA A 45 -8.69 -2.59 -7.24
N GLU A 46 -9.79 -3.20 -7.70
CA GLU A 46 -10.52 -2.73 -8.89
C GLU A 46 -11.59 -1.65 -8.61
N LEU A 47 -12.48 -1.93 -7.67
CA LEU A 47 -13.57 -1.00 -7.36
C LEU A 47 -13.07 0.15 -6.55
N ILE A 48 -11.79 0.33 -6.59
CA ILE A 48 -11.18 1.36 -5.81
C ILE A 48 -10.56 2.46 -6.65
N ASP A 49 -10.66 3.67 -6.11
CA ASP A 49 -10.13 4.87 -6.76
C ASP A 49 -10.15 6.02 -5.77
N GLU A 50 -10.03 5.68 -4.49
CA GLU A 50 -10.04 6.66 -3.44
C GLU A 50 -9.56 6.00 -2.16
N TYR A 51 -9.00 4.80 -2.31
CA TYR A 51 -8.51 4.04 -1.18
C TYR A 51 -7.31 4.74 -0.61
N VAL A 52 -7.17 4.61 0.70
CA VAL A 52 -6.05 5.20 1.38
C VAL A 52 -5.32 4.14 2.16
N CYS A 53 -4.08 4.40 2.49
CA CYS A 53 -3.29 3.46 3.19
C CYS A 53 -3.54 3.56 4.65
N PRO A 54 -3.35 2.50 5.32
CA PRO A 54 -3.55 2.45 6.77
C PRO A 54 -2.45 3.20 7.50
N GLN A 55 -1.29 3.26 6.87
CA GLN A 55 -0.16 3.99 7.43
C GLN A 55 -0.46 5.48 7.36
N CYS A 56 -1.18 5.87 6.30
CA CYS A 56 -1.54 7.27 6.11
C CYS A 56 -2.69 7.65 7.03
N GLN A 57 -3.68 6.78 7.14
CA GLN A 57 -4.84 7.03 8.00
C GLN A 57 -4.41 7.30 9.44
N SER A 58 -3.26 6.73 9.82
CA SER A 58 -2.75 6.92 11.18
C SER A 58 -2.79 8.39 11.57
N THR A 59 -2.59 9.27 10.59
CA THR A 59 -2.60 10.71 10.84
C THR A 59 -3.63 11.40 9.95
N GLU A 60 -4.16 10.69 8.96
CA GLU A 60 -5.14 11.26 8.05
C GLU A 60 -6.53 10.71 8.32
N ASP A 61 -7.54 11.58 8.24
CA ASP A 61 -8.91 11.16 8.48
C ASP A 61 -9.43 10.34 7.31
N ALA A 62 -10.19 9.30 7.60
CA ALA A 62 -10.75 8.45 6.55
C ALA A 62 -11.98 9.10 5.92
N GLY A 1 32.09 2.02 -3.70
CA GLY A 1 32.43 2.68 -2.40
C GLY A 1 31.26 2.53 -1.43
N PRO A 2 31.27 3.28 -0.37
CA PRO A 2 30.19 3.23 0.66
C PRO A 2 28.80 3.34 0.03
N LEU A 3 27.84 2.63 0.62
CA LEU A 3 26.47 2.65 0.11
C LEU A 3 25.66 3.73 0.80
N GLY A 4 24.80 4.40 0.04
CA GLY A 4 23.96 5.46 0.60
C GLY A 4 22.53 4.98 0.77
N SER A 5 21.58 5.72 0.20
CA SER A 5 20.17 5.35 0.28
C SER A 5 19.93 4.01 -0.39
N ASP A 6 18.88 3.31 0.03
CA ASP A 6 18.54 2.01 -0.54
C ASP A 6 17.04 1.91 -0.79
N THR A 7 16.62 0.85 -1.48
CA THR A 7 15.21 0.65 -1.78
C THR A 7 14.50 0.03 -0.57
N LYS A 8 13.18 0.12 -0.56
CA LYS A 8 12.39 -0.41 0.55
C LYS A 8 11.18 -1.20 0.06
N LEU A 9 10.39 -1.69 1.01
CA LEU A 9 9.20 -2.48 0.71
C LEU A 9 7.94 -1.62 0.80
N TYR A 10 6.90 -1.99 0.06
CA TYR A 10 5.67 -1.22 0.08
C TYR A 10 4.70 -1.87 1.06
N CYS A 11 4.23 -3.06 0.72
CA CYS A 11 3.34 -3.81 1.58
C CYS A 11 3.82 -3.77 3.02
N ILE A 12 3.00 -3.17 3.88
CA ILE A 12 3.34 -3.06 5.29
C ILE A 12 3.69 -4.46 5.82
N CYS A 13 3.47 -5.45 4.97
CA CYS A 13 3.74 -6.83 5.30
C CYS A 13 5.23 -7.12 5.18
N LYS A 14 6.02 -6.09 4.87
CA LYS A 14 7.46 -6.23 4.74
C LYS A 14 7.86 -7.09 3.55
N THR A 15 7.37 -6.73 2.36
CA THR A 15 7.69 -7.46 1.15
C THR A 15 7.75 -6.51 -0.05
N PRO A 16 8.60 -6.77 -1.00
CA PRO A 16 8.74 -5.91 -2.21
C PRO A 16 7.51 -5.98 -3.11
N TYR A 17 7.25 -4.91 -3.87
CA TYR A 17 6.10 -4.89 -4.75
C TYR A 17 6.18 -6.08 -5.70
N ASP A 18 5.01 -6.60 -6.04
CA ASP A 18 4.95 -7.74 -6.94
C ASP A 18 3.78 -7.61 -7.92
N GLU A 19 4.09 -7.44 -9.20
CA GLU A 19 3.06 -7.31 -10.21
C GLU A 19 2.14 -8.53 -10.17
N SER A 20 2.61 -9.59 -9.53
CA SER A 20 1.81 -10.80 -9.39
C SER A 20 0.72 -10.49 -8.39
N LYS A 21 1.09 -9.60 -7.49
CA LYS A 21 0.21 -9.13 -6.44
C LYS A 21 -0.34 -7.79 -6.84
N PHE A 22 -1.47 -7.44 -6.26
CA PHE A 22 -2.09 -6.17 -6.57
C PHE A 22 -2.07 -5.29 -5.34
N TYR A 23 -1.99 -4.01 -5.60
CA TYR A 23 -1.91 -3.06 -4.52
C TYR A 23 -2.93 -1.96 -4.59
N ILE A 24 -2.98 -1.31 -3.46
CA ILE A 24 -3.83 -0.15 -3.24
C ILE A 24 -2.88 0.94 -2.79
N GLY A 25 -2.91 2.09 -3.45
CA GLY A 25 -1.94 3.12 -3.13
C GLY A 25 -2.39 4.17 -2.12
N CYS A 26 -1.61 4.25 -1.04
CA CYS A 26 -1.80 5.23 0.00
C CYS A 26 -1.94 6.60 -0.66
N ASP A 27 -3.09 7.25 -0.48
CA ASP A 27 -3.29 8.55 -1.10
C ASP A 27 -2.40 9.56 -0.41
N ARG A 28 -2.14 9.30 0.86
CA ARG A 28 -1.32 10.17 1.66
C ARG A 28 0.01 9.51 2.00
N CYS A 29 0.07 8.18 1.98
CA CYS A 29 1.32 7.50 2.32
C CYS A 29 2.05 7.03 1.08
N GLN A 30 1.59 7.46 -0.09
CA GLN A 30 2.20 7.10 -1.36
C GLN A 30 2.86 5.71 -1.32
N ASN A 31 2.13 4.71 -0.82
CA ASN A 31 2.66 3.36 -0.74
C ASN A 31 1.66 2.36 -1.30
N TRP A 32 2.11 1.13 -1.55
CA TRP A 32 1.23 0.11 -2.10
C TRP A 32 1.40 -1.21 -1.36
N TYR A 33 0.29 -1.82 -0.95
CA TYR A 33 0.36 -3.11 -0.23
C TYR A 33 -0.55 -4.15 -0.87
N HIS A 34 -0.14 -5.42 -0.87
CA HIS A 34 -1.01 -6.44 -1.38
C HIS A 34 -2.32 -6.31 -0.62
N GLY A 35 -3.44 -6.49 -1.30
CA GLY A 35 -4.71 -6.33 -0.64
C GLY A 35 -4.72 -6.96 0.74
N ARG A 36 -4.48 -8.26 0.79
CA ARG A 36 -4.46 -8.95 2.06
C ARG A 36 -3.28 -8.50 2.89
N CYS A 37 -2.29 -7.91 2.22
CA CYS A 37 -1.13 -7.44 2.94
C CYS A 37 -1.58 -6.60 4.12
N VAL A 38 -2.72 -5.94 3.92
CA VAL A 38 -3.29 -5.08 4.96
C VAL A 38 -4.67 -5.57 5.37
N GLY A 39 -5.02 -6.78 4.95
CA GLY A 39 -6.31 -7.37 5.30
C GLY A 39 -7.46 -6.66 4.59
N ILE A 40 -7.30 -6.43 3.29
CA ILE A 40 -8.32 -5.75 2.52
C ILE A 40 -8.97 -6.68 1.50
N LEU A 41 -10.09 -6.24 0.93
CA LEU A 41 -10.79 -7.02 -0.08
C LEU A 41 -9.89 -7.30 -1.27
N GLN A 42 -10.31 -8.26 -2.08
CA GLN A 42 -9.53 -8.65 -3.25
C GLN A 42 -9.72 -7.65 -4.38
N SER A 43 -10.97 -7.43 -4.73
CA SER A 43 -11.29 -6.48 -5.79
C SER A 43 -11.04 -5.07 -5.30
N GLU A 44 -10.89 -4.95 -3.98
CA GLU A 44 -10.67 -3.64 -3.37
C GLU A 44 -9.68 -2.83 -4.17
N ALA A 45 -8.90 -3.50 -4.98
CA ALA A 45 -7.92 -2.81 -5.79
C ALA A 45 -8.60 -2.00 -6.90
N GLU A 46 -9.53 -2.63 -7.61
CA GLU A 46 -10.23 -1.96 -8.72
C GLU A 46 -11.49 -1.18 -8.33
N LEU A 47 -12.30 -1.77 -7.48
CA LEU A 47 -13.58 -1.14 -7.09
C LEU A 47 -13.41 0.26 -6.52
N ILE A 48 -12.29 0.52 -5.87
CA ILE A 48 -12.06 1.85 -5.31
C ILE A 48 -11.45 2.76 -6.35
N ASP A 49 -11.36 4.01 -5.97
CA ASP A 49 -10.81 5.01 -6.86
C ASP A 49 -10.35 6.22 -6.03
N GLU A 50 -10.29 6.00 -4.73
CA GLU A 50 -9.87 7.00 -3.79
C GLU A 50 -9.34 6.28 -2.56
N TYR A 51 -8.69 5.14 -2.83
CA TYR A 51 -8.14 4.31 -1.78
C TYR A 51 -7.03 5.02 -1.07
N VAL A 52 -6.96 4.74 0.22
CA VAL A 52 -5.92 5.30 1.05
C VAL A 52 -5.29 4.18 1.83
N CYS A 53 -4.08 4.40 2.28
CA CYS A 53 -3.37 3.41 3.00
C CYS A 53 -3.70 3.47 4.44
N PRO A 54 -3.48 2.40 5.11
CA PRO A 54 -3.76 2.31 6.54
C PRO A 54 -2.65 2.95 7.34
N GLN A 55 -1.47 3.03 6.71
CA GLN A 55 -0.33 3.68 7.32
C GLN A 55 -0.58 5.17 7.33
N CYS A 56 -1.22 5.64 6.27
CA CYS A 56 -1.55 7.05 6.12
C CYS A 56 -2.86 7.35 6.86
N GLN A 57 -3.75 6.36 6.89
CA GLN A 57 -5.04 6.52 7.55
C GLN A 57 -4.86 7.09 8.95
N SER A 58 -3.75 6.74 9.58
CA SER A 58 -3.47 7.23 10.93
C SER A 58 -3.66 8.74 10.99
N THR A 59 -3.39 9.41 9.88
CA THR A 59 -3.54 10.87 9.82
C THR A 59 -3.81 11.34 8.40
N GLU A 60 -5.01 11.02 7.89
CA GLU A 60 -5.38 11.42 6.53
C GLU A 60 -5.28 12.94 6.40
N ASP A 61 -5.50 13.64 7.50
CA ASP A 61 -5.43 15.10 7.51
C ASP A 61 -4.74 15.60 8.76
N ALA A 62 -4.51 16.91 8.84
CA ALA A 62 -3.85 17.50 10.00
C ALA A 62 -4.50 18.85 10.34
N GLY A 1 24.74 1.91 10.97
CA GLY A 1 23.38 2.06 10.37
C GLY A 1 23.41 1.61 8.91
N PRO A 2 22.26 1.44 8.32
CA PRO A 2 22.14 1.01 6.90
C PRO A 2 22.81 1.99 5.94
N LEU A 3 23.24 1.50 4.79
CA LEU A 3 23.89 2.35 3.80
C LEU A 3 22.86 3.22 3.10
N GLY A 4 23.30 4.38 2.61
CA GLY A 4 22.41 5.30 1.92
C GLY A 4 22.08 4.80 0.52
N SER A 5 21.36 5.61 -0.25
CA SER A 5 20.98 5.24 -1.60
C SER A 5 20.22 3.91 -1.60
N ASP A 6 19.20 3.83 -0.76
CA ASP A 6 18.39 2.61 -0.66
C ASP A 6 16.92 2.96 -0.44
N THR A 7 16.03 2.10 -0.91
CA THR A 7 14.59 2.34 -0.75
C THR A 7 13.94 1.19 0.01
N LYS A 8 12.73 1.45 0.53
CA LYS A 8 12.00 0.43 1.28
C LYS A 8 11.03 -0.30 0.38
N LEU A 9 10.59 -1.47 0.82
CA LEU A 9 9.65 -2.28 0.06
C LEU A 9 8.25 -1.66 0.13
N TYR A 10 7.28 -2.29 -0.52
CA TYR A 10 5.93 -1.76 -0.57
C TYR A 10 5.08 -2.21 0.64
N CYS A 11 4.32 -3.29 0.46
CA CYS A 11 3.46 -3.80 1.51
C CYS A 11 4.08 -3.70 2.91
N ILE A 12 3.27 -3.19 3.83
CA ILE A 12 3.69 -3.05 5.22
C ILE A 12 4.02 -4.43 5.76
N CYS A 13 3.71 -5.42 4.96
CA CYS A 13 3.93 -6.82 5.30
C CYS A 13 5.39 -7.21 5.09
N LYS A 14 6.21 -6.22 4.74
CA LYS A 14 7.63 -6.47 4.52
C LYS A 14 7.85 -7.34 3.27
N THR A 15 7.18 -6.99 2.18
CA THR A 15 7.32 -7.75 0.94
C THR A 15 7.36 -6.81 -0.28
N PRO A 16 8.38 -6.88 -1.10
CA PRO A 16 8.51 -6.02 -2.32
C PRO A 16 7.32 -6.14 -3.26
N TYR A 17 7.16 -5.14 -4.13
CA TYR A 17 6.06 -5.14 -5.09
C TYR A 17 6.20 -6.26 -6.10
N ASP A 18 5.09 -6.90 -6.40
CA ASP A 18 5.06 -7.96 -7.39
C ASP A 18 3.80 -7.85 -8.22
N GLU A 19 3.97 -7.82 -9.52
CA GLU A 19 2.83 -7.72 -10.40
C GLU A 19 1.90 -8.89 -10.17
N SER A 20 2.40 -9.88 -9.45
CA SER A 20 1.61 -11.06 -9.11
C SER A 20 0.65 -10.65 -8.02
N LYS A 21 1.08 -9.65 -7.27
CA LYS A 21 0.32 -9.08 -6.20
C LYS A 21 -0.31 -7.79 -6.68
N PHE A 22 -1.43 -7.43 -6.11
CA PHE A 22 -2.10 -6.22 -6.52
C PHE A 22 -2.07 -5.20 -5.42
N TYR A 23 -2.00 -3.94 -5.79
CA TYR A 23 -1.88 -2.89 -4.81
C TYR A 23 -2.94 -1.83 -4.86
N ILE A 24 -2.94 -1.14 -3.76
CA ILE A 24 -3.79 0.02 -3.50
C ILE A 24 -2.85 1.02 -2.86
N GLY A 25 -2.68 2.15 -3.50
CA GLY A 25 -1.71 3.12 -3.01
C GLY A 25 -2.25 4.13 -2.01
N CYS A 26 -1.52 4.23 -0.91
CA CYS A 26 -1.80 5.20 0.12
C CYS A 26 -2.01 6.55 -0.57
N ASP A 27 -3.24 7.02 -0.63
CA ASP A 27 -3.52 8.28 -1.30
C ASP A 27 -2.94 9.39 -0.46
N ARG A 28 -2.72 9.06 0.80
CA ARG A 28 -2.19 9.98 1.76
C ARG A 28 -0.78 9.59 2.21
N CYS A 29 -0.44 8.30 2.14
CA CYS A 29 0.88 7.87 2.58
C CYS A 29 1.76 7.41 1.43
N GLN A 30 1.37 7.75 0.21
CA GLN A 30 2.13 7.38 -0.98
C GLN A 30 2.87 6.06 -0.79
N ASN A 31 2.12 5.03 -0.42
CA ASN A 31 2.70 3.71 -0.20
C ASN A 31 1.88 2.64 -0.90
N TRP A 32 2.41 1.42 -1.03
CA TRP A 32 1.70 0.37 -1.77
C TRP A 32 1.82 -1.01 -1.12
N TYR A 33 0.67 -1.66 -0.93
CA TYR A 33 0.64 -3.01 -0.33
C TYR A 33 -0.39 -3.90 -1.00
N HIS A 34 -0.23 -5.23 -0.87
CA HIS A 34 -1.23 -6.14 -1.38
C HIS A 34 -2.48 -5.86 -0.58
N GLY A 35 -3.62 -5.77 -1.23
CA GLY A 35 -4.85 -5.47 -0.50
C GLY A 35 -4.93 -6.26 0.79
N ARG A 36 -4.61 -7.53 0.72
CA ARG A 36 -4.66 -8.37 1.90
C ARG A 36 -3.56 -7.95 2.85
N CYS A 37 -2.49 -7.44 2.26
CA CYS A 37 -1.36 -7.01 3.04
C CYS A 37 -1.83 -6.05 4.12
N VAL A 38 -2.94 -5.39 3.86
CA VAL A 38 -3.51 -4.45 4.81
C VAL A 38 -4.90 -4.90 5.25
N GLY A 39 -5.20 -6.17 5.00
CA GLY A 39 -6.48 -6.73 5.39
C GLY A 39 -7.63 -6.13 4.60
N ILE A 40 -7.47 -6.08 3.29
CA ILE A 40 -8.49 -5.51 2.43
C ILE A 40 -9.08 -6.55 1.50
N LEU A 41 -10.20 -6.22 0.86
CA LEU A 41 -10.83 -7.14 -0.07
C LEU A 41 -9.91 -7.43 -1.24
N GLN A 42 -10.25 -8.47 -1.98
CA GLN A 42 -9.44 -8.91 -3.11
C GLN A 42 -9.69 -8.03 -4.32
N SER A 43 -10.96 -7.94 -4.71
CA SER A 43 -11.33 -7.13 -5.85
C SER A 43 -11.16 -5.66 -5.50
N GLU A 44 -11.04 -5.39 -4.21
CA GLU A 44 -10.88 -4.03 -3.73
C GLU A 44 -9.81 -3.30 -4.50
N ALA A 45 -8.93 -4.03 -5.14
CA ALA A 45 -7.87 -3.39 -5.89
C ALA A 45 -8.41 -2.42 -6.95
N GLU A 46 -9.35 -2.89 -7.78
CA GLU A 46 -9.89 -2.04 -8.85
C GLU A 46 -11.13 -1.23 -8.45
N LEU A 47 -12.08 -1.89 -7.81
CA LEU A 47 -13.36 -1.26 -7.44
C LEU A 47 -13.20 0.00 -6.60
N ILE A 48 -12.02 0.57 -6.57
CA ILE A 48 -11.81 1.79 -5.80
C ILE A 48 -11.02 2.80 -6.60
N ASP A 49 -10.92 4.00 -6.07
CA ASP A 49 -10.21 5.08 -6.70
C ASP A 49 -10.14 6.27 -5.76
N GLU A 50 -9.97 5.94 -4.48
CA GLU A 50 -9.89 6.91 -3.42
C GLU A 50 -9.41 6.19 -2.19
N TYR A 51 -8.81 5.03 -2.43
CA TYR A 51 -8.30 4.19 -1.35
C TYR A 51 -7.14 4.87 -0.66
N VAL A 52 -7.04 4.59 0.61
CA VAL A 52 -5.97 5.13 1.41
C VAL A 52 -5.30 4.02 2.17
N CYS A 53 -4.04 4.21 2.47
CA CYS A 53 -3.27 3.25 3.16
C CYS A 53 -3.57 3.31 4.62
N PRO A 54 -3.23 2.29 5.31
CA PRO A 54 -3.46 2.20 6.74
C PRO A 54 -2.40 2.96 7.52
N GLN A 55 -1.21 3.04 6.92
CA GLN A 55 -0.13 3.78 7.53
C GLN A 55 -0.49 5.26 7.50
N CYS A 56 -1.17 5.64 6.44
CA CYS A 56 -1.61 7.02 6.28
C CYS A 56 -2.86 7.26 7.13
N GLN A 57 -3.78 6.31 7.08
CA GLN A 57 -5.02 6.41 7.85
C GLN A 57 -4.69 6.71 9.31
N SER A 58 -3.63 6.10 9.81
CA SER A 58 -3.21 6.32 11.18
C SER A 58 -2.88 7.80 11.38
N THR A 59 -2.28 8.40 10.35
CA THR A 59 -1.94 9.82 10.42
C THR A 59 -3.19 10.68 10.51
N GLU A 60 -4.21 10.30 9.74
CA GLU A 60 -5.47 11.06 9.74
C GLU A 60 -6.08 11.10 11.14
N ASP A 61 -5.94 10.00 11.89
CA ASP A 61 -6.48 9.93 13.24
C ASP A 61 -5.36 10.00 14.27
N ALA A 62 -5.73 10.18 15.53
CA ALA A 62 -4.75 10.26 16.61
C ALA A 62 -3.81 11.44 16.39
N GLY A 1 16.64 11.34 11.96
CA GLY A 1 15.87 11.42 10.68
C GLY A 1 15.69 10.03 10.09
N PRO A 2 14.88 9.21 10.72
CA PRO A 2 14.62 7.82 10.26
C PRO A 2 14.15 7.77 8.81
N LEU A 3 13.60 8.89 8.33
CA LEU A 3 13.10 8.96 6.95
C LEU A 3 14.21 9.46 6.02
N GLY A 4 14.26 8.89 4.82
CA GLY A 4 15.27 9.27 3.84
C GLY A 4 15.26 8.33 2.64
N SER A 5 16.28 8.44 1.80
CA SER A 5 16.39 7.59 0.63
C SER A 5 16.53 6.13 1.04
N ASP A 6 16.44 5.23 0.08
CA ASP A 6 16.56 3.80 0.36
C ASP A 6 15.45 3.37 1.32
N THR A 7 14.21 3.54 0.88
CA THR A 7 13.06 3.18 1.71
C THR A 7 12.81 1.67 1.66
N LYS A 8 12.00 1.19 2.59
CA LYS A 8 11.68 -0.24 2.66
C LYS A 8 10.77 -0.65 1.51
N LEU A 9 10.35 -1.92 1.54
CA LEU A 9 9.48 -2.47 0.51
C LEU A 9 8.15 -1.72 0.47
N TYR A 10 7.22 -2.19 -0.35
CA TYR A 10 5.94 -1.52 -0.48
C TYR A 10 5.04 -1.97 0.68
N CYS A 11 4.31 -3.04 0.46
CA CYS A 11 3.43 -3.62 1.47
C CYS A 11 4.07 -3.58 2.85
N ILE A 12 3.46 -2.80 3.73
CA ILE A 12 3.95 -2.66 5.09
C ILE A 12 3.96 -4.02 5.77
N CYS A 13 3.37 -5.00 5.09
CA CYS A 13 3.31 -6.36 5.62
C CYS A 13 4.70 -6.99 5.57
N LYS A 14 5.69 -6.18 5.23
CA LYS A 14 7.08 -6.63 5.15
C LYS A 14 7.26 -7.66 4.03
N THR A 15 6.76 -7.34 2.84
CA THR A 15 6.91 -8.25 1.70
C THR A 15 7.13 -7.45 0.40
N PRO A 16 8.21 -7.71 -0.30
CA PRO A 16 8.52 -7.01 -1.58
C PRO A 16 7.33 -6.95 -2.54
N TYR A 17 7.32 -5.91 -3.37
CA TYR A 17 6.25 -5.73 -4.33
C TYR A 17 6.30 -6.83 -5.38
N ASP A 18 5.13 -7.24 -5.84
CA ASP A 18 5.04 -8.26 -6.86
C ASP A 18 3.93 -7.94 -7.84
N GLU A 19 4.30 -7.73 -9.10
CA GLU A 19 3.32 -7.41 -10.12
C GLU A 19 2.29 -8.53 -10.21
N SER A 20 2.63 -9.66 -9.58
CA SER A 20 1.74 -10.80 -9.55
C SER A 20 0.63 -10.49 -8.56
N LYS A 21 1.00 -9.62 -7.63
CA LYS A 21 0.11 -9.15 -6.60
C LYS A 21 -0.38 -7.78 -6.99
N PHE A 22 -1.53 -7.40 -6.48
CA PHE A 22 -2.07 -6.11 -6.82
C PHE A 22 -2.03 -5.20 -5.61
N TYR A 23 -1.96 -3.92 -5.90
CA TYR A 23 -1.85 -2.94 -4.86
C TYR A 23 -2.90 -1.87 -4.89
N ILE A 24 -2.97 -1.25 -3.75
CA ILE A 24 -3.84 -0.12 -3.49
C ILE A 24 -2.93 0.91 -2.84
N GLY A 25 -2.79 2.06 -3.48
CA GLY A 25 -1.85 3.04 -2.98
C GLY A 25 -2.41 4.09 -2.05
N CYS A 26 -1.69 4.26 -0.94
CA CYS A 26 -1.99 5.27 0.04
C CYS A 26 -2.24 6.57 -0.72
N ASP A 27 -3.51 6.99 -0.82
CA ASP A 27 -3.81 8.22 -1.53
C ASP A 27 -3.39 9.38 -0.65
N ARG A 28 -3.11 9.02 0.58
CA ARG A 28 -2.70 9.98 1.58
C ARG A 28 -1.26 9.73 2.00
N CYS A 29 -0.76 8.49 1.82
CA CYS A 29 0.61 8.20 2.23
C CYS A 29 1.47 7.73 1.06
N GLN A 30 1.03 8.02 -0.17
CA GLN A 30 1.80 7.65 -1.36
C GLN A 30 2.58 6.34 -1.15
N ASN A 31 1.88 5.27 -0.75
CA ASN A 31 2.53 4.00 -0.51
C ASN A 31 1.74 2.88 -1.17
N TRP A 32 2.33 1.68 -1.26
CA TRP A 32 1.65 0.56 -1.95
C TRP A 32 1.82 -0.76 -1.21
N TYR A 33 0.71 -1.47 -1.06
CA TYR A 33 0.73 -2.78 -0.38
C TYR A 33 -0.19 -3.78 -1.07
N HIS A 34 0.17 -5.07 -1.11
CA HIS A 34 -0.73 -6.02 -1.67
C HIS A 34 -2.05 -5.88 -0.91
N GLY A 35 -3.15 -6.15 -1.55
CA GLY A 35 -4.42 -5.98 -0.88
C GLY A 35 -4.50 -6.75 0.43
N ARG A 36 -4.37 -8.05 0.36
CA ARG A 36 -4.45 -8.85 1.57
C ARG A 36 -3.21 -8.64 2.42
N CYS A 37 -2.15 -8.17 1.80
CA CYS A 37 -0.94 -7.93 2.55
C CYS A 37 -1.26 -7.04 3.74
N VAL A 38 -2.28 -6.20 3.58
CA VAL A 38 -2.70 -5.32 4.67
C VAL A 38 -4.09 -5.73 5.16
N GLY A 39 -4.55 -6.90 4.71
CA GLY A 39 -5.85 -7.40 5.12
C GLY A 39 -6.99 -6.65 4.47
N ILE A 40 -6.89 -6.46 3.16
CA ILE A 40 -7.93 -5.73 2.44
C ILE A 40 -8.63 -6.62 1.42
N LEU A 41 -9.74 -6.12 0.90
CA LEU A 41 -10.51 -6.84 -0.09
C LEU A 41 -9.70 -6.99 -1.38
N GLN A 42 -10.10 -7.93 -2.22
CA GLN A 42 -9.41 -8.15 -3.47
C GLN A 42 -9.94 -7.14 -4.45
N SER A 43 -11.24 -6.99 -4.34
CA SER A 43 -11.97 -6.06 -5.15
C SER A 43 -11.45 -4.66 -4.88
N GLU A 44 -11.15 -4.37 -3.61
CA GLU A 44 -10.65 -3.06 -3.23
C GLU A 44 -9.65 -2.56 -4.25
N ALA A 45 -9.14 -3.47 -5.05
CA ALA A 45 -8.20 -3.10 -6.08
C ALA A 45 -8.91 -2.41 -7.26
N GLU A 46 -10.02 -3.01 -7.72
CA GLU A 46 -10.77 -2.47 -8.87
C GLU A 46 -11.85 -1.44 -8.53
N LEU A 47 -12.72 -1.78 -7.59
CA LEU A 47 -13.83 -0.89 -7.20
C LEU A 47 -13.39 0.22 -6.32
N ILE A 48 -12.12 0.47 -6.37
CA ILE A 48 -11.55 1.48 -5.55
C ILE A 48 -11.08 2.67 -6.37
N ASP A 49 -11.34 3.85 -5.82
CA ASP A 49 -10.99 5.09 -6.47
C ASP A 49 -9.96 5.89 -5.67
N GLU A 50 -10.28 6.23 -4.42
CA GLU A 50 -9.36 6.97 -3.58
C GLU A 50 -9.01 6.14 -2.36
N TYR A 51 -8.44 4.98 -2.60
CA TYR A 51 -8.07 4.11 -1.50
C TYR A 51 -6.97 4.77 -0.70
N VAL A 52 -7.03 4.61 0.59
CA VAL A 52 -6.01 5.17 1.46
C VAL A 52 -5.30 4.06 2.18
N CYS A 53 -4.06 4.33 2.52
CA CYS A 53 -3.25 3.39 3.17
C CYS A 53 -3.50 3.42 4.64
N PRO A 54 -3.19 2.36 5.29
CA PRO A 54 -3.37 2.25 6.74
C PRO A 54 -2.26 2.97 7.47
N GLN A 55 -1.12 3.08 6.80
CA GLN A 55 0.02 3.78 7.36
C GLN A 55 -0.27 5.28 7.35
N CYS A 56 -1.01 5.71 6.33
CA CYS A 56 -1.37 7.12 6.19
C CYS A 56 -2.34 7.53 7.28
N GLN A 57 -3.28 6.64 7.62
CA GLN A 57 -4.26 6.96 8.64
C GLN A 57 -3.55 7.42 9.90
N SER A 58 -2.41 6.83 10.19
CA SER A 58 -1.63 7.22 11.35
C SER A 58 -0.93 8.55 11.07
N THR A 59 -0.53 8.74 9.81
CA THR A 59 0.14 9.97 9.41
C THR A 59 -0.84 11.13 9.36
N GLU A 60 -1.98 10.91 8.69
CA GLU A 60 -3.00 11.95 8.58
C GLU A 60 -2.44 13.19 7.88
N ASP A 61 -1.15 13.17 7.58
CA ASP A 61 -0.51 14.30 6.91
C ASP A 61 -0.74 15.59 7.69
N ALA A 62 -0.53 15.54 9.00
CA ALA A 62 -0.71 16.71 9.85
C ALA A 62 0.34 16.74 10.96
N GLY A 1 2.02 7.79 -14.68
CA GLY A 1 2.52 8.30 -13.38
C GLY A 1 3.52 7.30 -12.80
N PRO A 2 4.71 7.26 -13.34
CA PRO A 2 5.79 6.33 -12.88
C PRO A 2 6.20 6.59 -11.43
N LEU A 3 5.97 7.83 -10.97
CA LEU A 3 6.34 8.20 -9.60
C LEU A 3 7.72 7.65 -9.25
N GLY A 4 8.75 8.41 -9.59
CA GLY A 4 10.12 7.99 -9.31
C GLY A 4 10.38 7.94 -7.81
N SER A 5 10.39 6.74 -7.26
CA SER A 5 10.63 6.55 -5.82
C SER A 5 11.69 5.48 -5.59
N ASP A 6 12.39 5.57 -4.47
CA ASP A 6 13.43 4.60 -4.14
C ASP A 6 12.83 3.20 -4.08
N THR A 7 13.62 2.20 -4.49
CA THR A 7 13.14 0.83 -4.48
C THR A 7 13.26 0.21 -3.09
N LYS A 8 12.11 0.00 -2.47
CA LYS A 8 12.06 -0.60 -1.14
C LYS A 8 10.78 -1.39 -0.96
N LEU A 9 10.57 -1.95 0.23
CA LEU A 9 9.37 -2.71 0.49
C LEU A 9 8.16 -1.79 0.56
N TYR A 10 7.04 -2.23 -0.01
CA TYR A 10 5.83 -1.41 -0.01
C TYR A 10 4.85 -1.93 1.03
N CYS A 11 4.28 -3.10 0.78
CA CYS A 11 3.34 -3.68 1.72
C CYS A 11 3.83 -3.52 3.15
N ILE A 12 2.95 -3.04 4.01
CA ILE A 12 3.30 -2.87 5.41
C ILE A 12 3.73 -4.21 5.97
N CYS A 13 3.53 -5.22 5.13
CA CYS A 13 3.87 -6.60 5.46
C CYS A 13 5.38 -6.85 5.29
N LYS A 14 6.09 -5.85 4.78
CA LYS A 14 7.53 -5.97 4.57
C LYS A 14 7.85 -6.91 3.40
N THR A 15 7.23 -6.65 2.25
CA THR A 15 7.46 -7.48 1.06
C THR A 15 7.58 -6.58 -0.18
N PRO A 16 8.50 -6.88 -1.07
CA PRO A 16 8.69 -6.07 -2.32
C PRO A 16 7.49 -6.13 -3.25
N TYR A 17 7.32 -5.10 -4.06
CA TYR A 17 6.20 -5.04 -4.99
C TYR A 17 6.30 -6.17 -6.00
N ASP A 18 5.16 -6.75 -6.31
CA ASP A 18 5.10 -7.85 -7.26
C ASP A 18 3.85 -7.73 -8.13
N GLU A 19 4.05 -7.60 -9.44
CA GLU A 19 2.92 -7.49 -10.36
C GLU A 19 1.96 -8.65 -10.15
N SER A 20 2.47 -9.73 -9.59
CA SER A 20 1.64 -10.90 -9.30
C SER A 20 0.68 -10.52 -8.19
N LYS A 21 1.20 -9.66 -7.32
CA LYS A 21 0.46 -9.12 -6.21
C LYS A 21 -0.12 -7.80 -6.65
N PHE A 22 -1.35 -7.56 -6.26
CA PHE A 22 -2.00 -6.32 -6.65
C PHE A 22 -2.05 -5.37 -5.50
N TYR A 23 -1.87 -4.11 -5.82
CA TYR A 23 -1.85 -3.10 -4.80
C TYR A 23 -2.87 -2.02 -4.95
N ILE A 24 -2.84 -1.24 -3.91
CA ILE A 24 -3.65 -0.06 -3.76
C ILE A 24 -2.65 1.02 -3.40
N GLY A 25 -3.05 2.25 -3.19
CA GLY A 25 -2.05 3.25 -2.88
C GLY A 25 -2.47 4.25 -1.82
N CYS A 26 -1.65 4.32 -0.78
CA CYS A 26 -1.83 5.25 0.29
C CYS A 26 -2.09 6.64 -0.29
N ASP A 27 -3.31 7.14 -0.14
CA ASP A 27 -3.64 8.45 -0.69
C ASP A 27 -2.54 9.44 -0.34
N ARG A 28 -2.06 9.38 0.90
CA ARG A 28 -1.01 10.29 1.34
C ARG A 28 0.27 9.55 1.71
N CYS A 29 0.23 8.22 1.87
CA CYS A 29 1.44 7.52 2.24
C CYS A 29 2.25 7.11 1.00
N GLN A 30 1.73 7.44 -0.19
CA GLN A 30 2.43 7.13 -1.44
C GLN A 30 3.03 5.73 -1.37
N ASN A 31 2.25 4.77 -0.89
CA ASN A 31 2.74 3.42 -0.75
C ASN A 31 1.75 2.42 -1.33
N TRP A 32 2.19 1.17 -1.52
CA TRP A 32 1.31 0.16 -2.10
C TRP A 32 1.49 -1.20 -1.44
N TYR A 33 0.39 -1.78 -0.99
CA TYR A 33 0.42 -3.08 -0.33
C TYR A 33 -0.56 -4.06 -0.98
N HIS A 34 -0.32 -5.37 -0.84
CA HIS A 34 -1.26 -6.33 -1.37
C HIS A 34 -2.57 -6.08 -0.64
N GLY A 35 -3.67 -6.18 -1.35
CA GLY A 35 -4.94 -5.92 -0.70
C GLY A 35 -5.02 -6.59 0.65
N ARG A 36 -4.65 -7.85 0.71
CA ARG A 36 -4.68 -8.57 1.97
C ARG A 36 -3.51 -8.14 2.84
N CYS A 37 -2.49 -7.55 2.21
CA CYS A 37 -1.35 -7.11 2.98
C CYS A 37 -1.82 -6.25 4.14
N VAL A 38 -2.93 -5.56 3.92
CA VAL A 38 -3.49 -4.68 4.95
C VAL A 38 -4.86 -5.18 5.41
N GLY A 39 -5.25 -6.38 4.98
CA GLY A 39 -6.52 -6.96 5.39
C GLY A 39 -7.69 -6.41 4.59
N ILE A 40 -7.54 -6.33 3.28
CA ILE A 40 -8.61 -5.80 2.43
C ILE A 40 -9.03 -6.80 1.36
N LEU A 41 -10.16 -6.52 0.73
CA LEU A 41 -10.67 -7.37 -0.33
C LEU A 41 -9.76 -7.33 -1.55
N GLN A 42 -9.94 -8.29 -2.44
CA GLN A 42 -9.10 -8.39 -3.63
C GLN A 42 -9.57 -7.43 -4.71
N SER A 43 -10.85 -7.52 -5.04
CA SER A 43 -11.43 -6.64 -6.03
C SER A 43 -11.29 -5.23 -5.53
N GLU A 44 -11.26 -5.12 -4.22
CA GLU A 44 -11.13 -3.83 -3.57
C GLU A 44 -10.08 -3.01 -4.26
N ALA A 45 -9.25 -3.67 -5.04
CA ALA A 45 -8.21 -3.01 -5.77
C ALA A 45 -8.79 -2.15 -6.90
N GLU A 46 -9.70 -2.73 -7.70
CA GLU A 46 -10.29 -2.00 -8.83
C GLU A 46 -11.52 -1.19 -8.43
N LEU A 47 -12.48 -1.85 -7.81
CA LEU A 47 -13.72 -1.20 -7.37
C LEU A 47 -13.41 -0.05 -6.46
N ILE A 48 -12.14 0.20 -6.31
CA ILE A 48 -11.70 1.23 -5.43
C ILE A 48 -11.25 2.48 -6.19
N ASP A 49 -11.73 3.63 -5.71
CA ASP A 49 -11.41 4.91 -6.34
C ASP A 49 -10.13 5.51 -5.79
N GLU A 50 -10.21 6.02 -4.57
CA GLU A 50 -9.07 6.62 -3.93
C GLU A 50 -8.80 5.91 -2.62
N TYR A 51 -8.26 4.71 -2.72
CA TYR A 51 -7.95 3.93 -1.54
C TYR A 51 -6.86 4.62 -0.76
N VAL A 52 -6.95 4.49 0.55
CA VAL A 52 -5.94 5.09 1.41
C VAL A 52 -5.21 4.01 2.16
N CYS A 53 -4.04 4.35 2.64
CA CYS A 53 -3.24 3.41 3.35
C CYS A 53 -3.58 3.43 4.81
N PRO A 54 -3.23 2.40 5.48
CA PRO A 54 -3.53 2.27 6.92
C PRO A 54 -2.54 3.07 7.77
N GLN A 55 -1.31 3.15 7.30
CA GLN A 55 -0.30 3.93 8.00
C GLN A 55 -0.61 5.40 7.79
N CYS A 56 -1.24 5.67 6.66
CA CYS A 56 -1.63 7.02 6.29
C CYS A 56 -2.54 7.64 7.34
N GLN A 57 -3.48 6.84 7.83
CA GLN A 57 -4.42 7.31 8.83
C GLN A 57 -3.67 7.85 10.05
N SER A 58 -2.53 7.23 10.35
CA SER A 58 -1.71 7.67 11.47
C SER A 58 -0.88 8.88 11.04
N THR A 59 -1.05 9.26 9.78
CA THR A 59 -0.34 10.40 9.20
C THR A 59 0.89 9.92 8.43
N GLU A 60 0.66 9.47 7.20
CA GLU A 60 1.75 8.98 6.36
C GLU A 60 2.68 8.09 7.17
N ASP A 61 3.67 8.69 7.82
CA ASP A 61 4.63 7.94 8.64
C ASP A 61 4.82 8.60 9.99
N ALA A 62 4.73 7.81 11.04
CA ALA A 62 4.90 8.34 12.40
C ALA A 62 5.05 7.19 13.40
#